data_9MI6
#
_entry.id   9MI6
#
_cell.length_a   183.282
_cell.length_b   67.644
_cell.length_c   105.303
_cell.angle_alpha   90.000
_cell.angle_beta   104.879
_cell.angle_gamma   90.000
#
_symmetry.space_group_name_H-M   'C 1 2 1'
#
loop_
_entity.id
_entity.type
_entity.pdbx_description
1 polymer 'IgG receptor FcRn large subunit p51'
2 polymer Beta-2-microglobulin
3 polymer 'nipocalimab Fab heavy chain'
4 polymer 'nipocalimab Fab light chain'
5 non-polymer 2-acetamido-2-deoxy-beta-D-glucopyranose
6 water water
#
loop_
_entity_poly.entity_id
_entity_poly.type
_entity_poly.pdbx_seq_one_letter_code
_entity_poly.pdbx_strand_id
1 'polypeptide(L)'
;AESHLSLLYHLTAVSSPAPGTPAFWVSGWLGPQQYLSYNSLRGEAEPCGAWVWENQVSWYWEKETTDLRIKEKLFLEAFK
ALGGKGPYTLQGLLGCELGPDNTSVPTAKFALNGEEFMNFDLKQGTWGGDWPEALAISQRWQQQDKAANKELTFLLFSCP
HRLREHLERGRGNLEWKEPPSMRLKARPSSPGFSVLTCSAFSFYPPELQLRFLRNGLAAGTGQGDFGPNSDGSFHASSSL
TVKSGDEHHYCCIVQHAGLAQPLRVELESPAKSSHHHHHH
;
A
2 'polypeptide(L)'
;IQRTPKIQVYSRHPAENGKSNFLNCYVSGFHPSDIEVDLLKNGERIEKVEHSDLSFSKDWSFYLLYYTEFTPTEKDEYAC
RVNHVTLSQPKIVKWDRDM
;
B
3 'polypeptide(L)'
;EVQLLESGGGLVQPGGSLRLSCAASGFTFSTYAMGWVRQAPGKGLEWVSSIGASGSQTRYADSVKGRFTISRDNSKNTLY
LQMNSLRAEDTAVYYCARLAIGDSYWGQGTMVTVSSASTKGPSVFPLAPSSKSTSGGTAALGCLVKDYFPEPVTVSWNSG
ALTSGVHTFPAVLQSSGLYSLSSVVTVPSSSLGTQTYICNVNHKPSNTKVDKKVEPKSCD
;
H
4 'polypeptide(L)'
;QSALTQPASVSGSPGQSITISCTGTGSDVGSYNLVSWYQQHPGKAPKLMIYGDSERPSGVSNRFSGSKSGNTASLTISGL
QAEDEADYYCSSYAGSGIYVFGTGTKVTVLGQPKAAPSVTLFPPSSEELQANKATLVCLISDFYPGAVTVAWKADSSPVK
AGVETTTPSKQSNNKYAASSYLSLTPEQWKSHKSYSCQVTHEGSTVEKTVAPTECS
;
L
#
# COMPACT_ATOMS: atom_id res chain seq x y z
N HIS A 4 -11.12 16.28 -31.39
CA HIS A 4 -11.53 15.66 -32.65
C HIS A 4 -10.31 15.22 -33.47
N LEU A 5 -9.23 16.00 -33.40
CA LEU A 5 -7.97 15.63 -34.05
C LEU A 5 -7.11 14.75 -33.14
N SER A 6 -7.73 13.74 -32.55
CA SER A 6 -7.08 12.85 -31.59
C SER A 6 -7.20 11.41 -32.05
N LEU A 7 -6.17 10.62 -31.74
CA LEU A 7 -6.16 9.20 -32.01
C LEU A 7 -5.79 8.51 -30.69
N LEU A 8 -6.74 7.78 -30.12
CA LEU A 8 -6.58 7.19 -28.80
C LEU A 8 -6.90 5.70 -28.85
N TYR A 9 -6.00 4.90 -28.30
CA TYR A 9 -6.21 3.47 -28.12
C TYR A 9 -6.68 3.21 -26.69
N HIS A 10 -7.74 2.46 -26.53
CA HIS A 10 -8.25 2.04 -25.22
C HIS A 10 -7.93 0.56 -25.10
N LEU A 11 -6.95 0.21 -24.26
CA LEU A 11 -6.50 -1.16 -24.11
C LEU A 11 -6.95 -1.70 -22.76
N THR A 12 -7.40 -2.95 -22.75
CA THR A 12 -7.83 -3.62 -21.53
C THR A 12 -7.28 -5.04 -21.52
N ALA A 13 -6.68 -5.43 -20.40
CA ALA A 13 -6.33 -6.82 -20.14
C ALA A 13 -6.94 -7.22 -18.81
N VAL A 14 -7.49 -8.43 -18.75
CA VAL A 14 -8.04 -8.98 -17.51
C VAL A 14 -7.31 -10.30 -17.22
N SER A 15 -7.01 -10.53 -15.94
CA SER A 15 -6.26 -11.73 -15.57
C SER A 15 -7.14 -12.97 -15.57
N SER A 16 -8.44 -12.83 -15.34
CA SER A 16 -9.37 -13.96 -15.27
C SER A 16 -10.57 -13.68 -16.16
N PRO A 17 -10.42 -13.82 -17.47
CA PRO A 17 -11.55 -13.57 -18.38
C PRO A 17 -12.54 -14.73 -18.35
N ALA A 18 -13.83 -14.39 -18.37
CA ALA A 18 -14.85 -15.43 -18.44
C ALA A 18 -14.59 -16.33 -19.65
N PRO A 19 -14.99 -17.60 -19.56
CA PRO A 19 -14.73 -18.52 -20.68
C PRO A 19 -15.38 -18.04 -21.98
N GLY A 20 -14.61 -18.10 -23.07
CA GLY A 20 -15.09 -17.59 -24.33
C GLY A 20 -15.11 -16.08 -24.45
N THR A 21 -14.33 -15.39 -23.64
CA THR A 21 -14.17 -13.93 -23.72
C THR A 21 -12.69 -13.60 -23.76
N PRO A 22 -12.30 -12.51 -24.44
CA PRO A 22 -10.88 -12.25 -24.63
C PRO A 22 -10.19 -11.79 -23.35
N ALA A 23 -8.95 -12.22 -23.19
CA ALA A 23 -8.13 -11.73 -22.08
C ALA A 23 -7.65 -10.30 -22.31
N PHE A 24 -7.65 -9.84 -23.57
CA PHE A 24 -7.11 -8.54 -23.93
C PHE A 24 -7.84 -8.05 -25.18
N TRP A 25 -8.29 -6.80 -25.16
CA TRP A 25 -8.98 -6.25 -26.33
C TRP A 25 -8.74 -4.75 -26.39
N VAL A 26 -8.89 -4.20 -27.60
CA VAL A 26 -8.53 -2.81 -27.87
C VAL A 26 -9.59 -2.19 -28.78
N SER A 27 -9.99 -0.96 -28.46
CA SER A 27 -10.76 -0.12 -29.37
C SER A 27 -9.92 1.11 -29.70
N GLY A 28 -9.89 1.48 -30.97
CA GLY A 28 -9.15 2.65 -31.44
C GLY A 28 -10.09 3.73 -31.88
N TRP A 29 -9.80 4.98 -31.49
CA TRP A 29 -10.74 6.08 -31.65
C TRP A 29 -10.10 7.23 -32.39
N LEU A 30 -10.79 7.73 -33.42
CA LEU A 30 -10.45 8.98 -34.10
C LEU A 30 -11.49 10.00 -33.66
N GLY A 31 -11.09 10.89 -32.75
CA GLY A 31 -12.01 11.76 -32.09
C GLY A 31 -13.07 10.96 -31.36
N PRO A 32 -14.33 11.24 -31.65
CA PRO A 32 -15.44 10.60 -30.92
C PRO A 32 -15.99 9.32 -31.54
N GLN A 33 -15.39 8.80 -32.61
CA GLN A 33 -15.90 7.60 -33.27
C GLN A 33 -14.83 6.54 -33.36
N GLN A 34 -15.25 5.28 -33.19
CA GLN A 34 -14.33 4.16 -33.15
C GLN A 34 -13.97 3.72 -34.56
N TYR A 35 -12.68 3.52 -34.80
CA TYR A 35 -12.20 3.11 -36.11
C TYR A 35 -11.56 1.74 -36.13
N LEU A 36 -11.20 1.22 -34.94
CA LEU A 36 -10.43 -0.04 -34.84
C LEU A 36 -10.96 -1.01 -33.79
N SER A 37 -10.78 -2.29 -34.05
CA SER A 37 -11.20 -3.35 -33.13
C SER A 37 -10.13 -4.42 -33.07
N TYR A 38 -9.80 -4.90 -31.89
CA TYR A 38 -8.82 -6.00 -31.73
C TYR A 38 -9.11 -6.75 -30.43
N ASN A 39 -9.05 -8.06 -30.49
CA ASN A 39 -9.13 -8.87 -29.28
C ASN A 39 -8.21 -10.08 -29.42
N SER A 40 -7.84 -10.67 -28.29
CA SER A 40 -6.88 -11.76 -28.33
C SER A 40 -7.49 -13.04 -28.91
N LEU A 41 -8.81 -13.22 -28.80
CA LEU A 41 -9.41 -14.44 -29.35
C LEU A 41 -9.27 -14.50 -30.87
N ARG A 42 -9.55 -13.40 -31.56
CA ARG A 42 -9.37 -13.38 -33.02
C ARG A 42 -7.96 -13.02 -33.43
N GLY A 43 -7.34 -12.05 -32.76
CA GLY A 43 -5.95 -11.71 -33.02
C GLY A 43 -5.68 -10.89 -34.26
N GLU A 44 -6.66 -10.14 -34.76
CA GLU A 44 -6.41 -9.24 -35.89
C GLU A 44 -7.15 -7.93 -35.69
N ALA A 45 -6.46 -6.83 -35.92
CA ALA A 45 -7.10 -5.52 -35.87
C ALA A 45 -7.97 -5.32 -37.11
N GLU A 46 -9.21 -4.85 -36.89
CA GLU A 46 -10.23 -4.62 -37.89
C GLU A 46 -10.68 -3.17 -37.89
N PRO A 47 -11.07 -2.64 -39.05
CA PRO A 47 -11.73 -1.33 -39.08
C PRO A 47 -13.14 -1.43 -38.51
N CYS A 48 -13.65 -0.29 -38.08
CA CYS A 48 -15.01 -0.21 -37.53
C CYS A 48 -15.75 0.96 -38.17
N GLY A 49 -17.08 0.85 -38.21
CA GLY A 49 -17.91 1.95 -38.66
C GLY A 49 -17.58 2.38 -40.08
N ALA A 50 -17.47 3.69 -40.27
CA ALA A 50 -17.24 4.25 -41.60
C ALA A 50 -15.91 3.80 -42.17
N TRP A 51 -14.93 3.53 -41.31
CA TRP A 51 -13.58 3.20 -41.73
C TRP A 51 -13.50 1.88 -42.47
N VAL A 52 -14.54 1.05 -42.41
CA VAL A 52 -14.64 -0.12 -43.27
C VAL A 52 -14.53 0.27 -44.74
N TRP A 53 -15.01 1.46 -45.09
CA TRP A 53 -15.00 1.93 -46.47
C TRP A 53 -13.90 2.94 -46.75
N GLU A 54 -13.00 3.16 -45.80
CA GLU A 54 -11.86 4.05 -46.02
C GLU A 54 -10.88 3.39 -46.98
N ASN A 55 -10.50 4.11 -48.01
CA ASN A 55 -9.53 3.58 -48.97
C ASN A 55 -8.17 3.50 -48.29
N GLN A 56 -7.61 2.29 -48.20
CA GLN A 56 -6.47 2.08 -47.32
C GLN A 56 -5.27 1.51 -48.07
N VAL A 57 -4.08 1.88 -47.57
CA VAL A 57 -2.83 1.36 -48.11
C VAL A 57 -2.65 -0.10 -47.69
N SER A 58 -1.93 -0.85 -48.52
CA SER A 58 -1.62 -2.23 -48.20
C SER A 58 -0.86 -2.33 -46.89
N TRP A 59 -1.10 -3.42 -46.17
CA TRP A 59 -0.41 -3.73 -44.92
C TRP A 59 -0.66 -2.71 -43.81
N TYR A 60 -1.70 -1.88 -43.94
CA TYR A 60 -2.00 -0.94 -42.86
C TYR A 60 -2.50 -1.68 -41.63
N TRP A 61 -3.52 -2.52 -41.78
CA TRP A 61 -4.09 -3.23 -40.65
C TRP A 61 -3.20 -4.37 -40.17
N GLU A 62 -2.33 -4.90 -41.03
CA GLU A 62 -1.30 -5.81 -40.57
C GLU A 62 -0.36 -5.10 -39.60
N LYS A 63 -0.03 -3.84 -39.89
CA LYS A 63 0.84 -3.09 -38.98
C LYS A 63 0.15 -2.81 -37.66
N GLU A 64 -1.12 -2.37 -37.69
CA GLU A 64 -1.88 -2.22 -36.46
C GLU A 64 -1.92 -3.53 -35.68
N THR A 65 -2.11 -4.64 -36.38
CA THR A 65 -2.16 -5.94 -35.70
C THR A 65 -0.81 -6.27 -35.07
N THR A 66 0.28 -5.97 -35.78
CA THR A 66 1.61 -6.23 -35.26
C THR A 66 1.86 -5.47 -33.96
N ASP A 67 1.47 -4.20 -33.92
CA ASP A 67 1.74 -3.37 -32.75
C ASP A 67 0.90 -3.81 -31.56
N LEU A 68 -0.38 -4.10 -31.79
CA LEU A 68 -1.23 -4.49 -30.67
C LEU A 68 -0.84 -5.86 -30.15
N ARG A 69 -0.37 -6.76 -31.03
CA ARG A 69 0.06 -8.07 -30.58
C ARG A 69 1.21 -7.97 -29.59
N ILE A 70 2.17 -7.08 -29.88
CA ILE A 70 3.27 -6.81 -28.95
C ILE A 70 2.71 -6.31 -27.63
N LYS A 71 1.79 -5.35 -27.69
CA LYS A 71 1.20 -4.84 -26.47
C LYS A 71 0.35 -5.88 -25.75
N GLU A 72 -0.18 -6.87 -26.48
CA GLU A 72 -0.92 -7.93 -25.83
C GLU A 72 -0.02 -8.73 -24.91
N LYS A 73 1.11 -9.21 -25.42
CA LYS A 73 2.01 -9.99 -24.59
C LYS A 73 2.49 -9.19 -23.39
N LEU A 74 2.72 -7.88 -23.56
CA LEU A 74 3.22 -7.07 -22.47
C LEU A 74 2.19 -6.90 -21.36
N PHE A 75 0.94 -6.63 -21.71
CA PHE A 75 -0.09 -6.47 -20.70
C PHE A 75 -0.25 -7.73 -19.86
N LEU A 76 -0.15 -8.90 -20.49
CA LEU A 76 -0.28 -10.16 -19.75
C LEU A 76 0.97 -10.44 -18.92
N GLU A 77 2.14 -10.01 -19.40
CA GLU A 77 3.36 -10.09 -18.62
C GLU A 77 3.25 -9.25 -17.35
N ALA A 78 2.51 -8.14 -17.40
CA ALA A 78 2.37 -7.29 -16.22
C ALA A 78 1.69 -8.00 -15.06
N PHE A 79 0.92 -9.05 -15.33
CA PHE A 79 0.29 -9.78 -14.25
C PHE A 79 1.25 -10.73 -13.55
N LYS A 80 2.21 -11.30 -14.30
CA LYS A 80 3.28 -12.05 -13.66
C LYS A 80 4.09 -11.17 -12.71
N ALA A 81 4.27 -9.90 -13.09
CA ALA A 81 5.05 -8.99 -12.25
C ALA A 81 4.34 -8.72 -10.93
N LEU A 82 3.02 -8.58 -10.96
CA LEU A 82 2.30 -8.29 -9.73
C LEU A 82 2.17 -9.53 -8.85
N GLY A 83 2.18 -10.73 -9.44
CA GLY A 83 1.94 -11.97 -8.76
C GLY A 83 0.66 -11.96 -7.93
N GLY A 84 0.55 -12.96 -7.07
CA GLY A 84 -0.66 -13.04 -6.30
C GLY A 84 -1.80 -13.48 -7.18
N LYS A 85 -3.01 -13.39 -6.62
CA LYS A 85 -4.18 -13.95 -7.27
C LYS A 85 -4.98 -12.93 -8.06
N GLY A 86 -4.88 -11.64 -7.73
CA GLY A 86 -5.78 -10.66 -8.28
C GLY A 86 -7.20 -10.97 -7.84
N PRO A 87 -8.16 -11.02 -8.79
CA PRO A 87 -7.99 -10.74 -10.21
C PRO A 87 -7.64 -9.28 -10.51
N TYR A 88 -7.02 -9.05 -11.66
CA TYR A 88 -6.55 -7.74 -12.07
C TYR A 88 -7.19 -7.30 -13.39
N THR A 89 -7.40 -5.99 -13.50
CA THR A 89 -7.73 -5.33 -14.75
C THR A 89 -6.67 -4.28 -15.03
N LEU A 90 -6.02 -4.38 -16.19
CA LEU A 90 -5.03 -3.41 -16.64
C LEU A 90 -5.55 -2.67 -17.87
N GLN A 91 -5.62 -1.35 -17.78
CA GLN A 91 -6.13 -0.52 -18.85
C GLN A 91 -5.06 0.43 -19.36
N GLY A 92 -5.05 0.64 -20.66
CA GLY A 92 -4.10 1.53 -21.29
C GLY A 92 -4.80 2.61 -22.10
N LEU A 93 -4.31 3.83 -21.98
CA LEU A 93 -4.79 5.01 -22.71
C LEU A 93 -3.57 5.58 -23.45
N LEU A 94 -3.36 5.08 -24.67
CA LEU A 94 -2.23 5.44 -25.51
C LEU A 94 -2.70 6.16 -26.76
N GLY A 95 -1.95 7.16 -27.18
CA GLY A 95 -2.26 7.85 -28.42
C GLY A 95 -1.64 9.23 -28.45
N CYS A 96 -2.19 10.06 -29.33
CA CYS A 96 -1.64 11.38 -29.62
C CYS A 96 -2.74 12.27 -30.16
N GLU A 97 -2.44 13.57 -30.28
CA GLU A 97 -3.42 14.58 -30.64
C GLU A 97 -2.74 15.68 -31.45
N LEU A 98 -3.31 15.98 -32.61
CA LEU A 98 -2.79 17.01 -33.49
C LEU A 98 -3.32 18.38 -33.10
N GLY A 99 -2.42 19.36 -33.10
CA GLY A 99 -2.80 20.74 -32.91
C GLY A 99 -2.81 21.47 -34.23
N PRO A 100 -3.32 22.70 -34.25
CA PRO A 100 -3.40 23.46 -35.51
C PRO A 100 -2.06 23.72 -36.16
N ASP A 101 -0.96 23.48 -35.46
CA ASP A 101 0.40 23.67 -35.95
C ASP A 101 0.96 22.44 -36.64
N ASN A 102 0.16 21.38 -36.80
CA ASN A 102 0.62 20.09 -37.33
C ASN A 102 1.74 19.52 -36.44
N THR A 103 1.58 19.66 -35.12
CA THR A 103 2.45 19.00 -34.14
C THR A 103 1.63 18.08 -33.25
N SER A 104 2.30 17.07 -32.70
CA SER A 104 1.63 16.03 -31.96
C SER A 104 1.93 16.15 -30.47
N VAL A 105 0.95 15.79 -29.65
CA VAL A 105 1.10 15.68 -28.22
C VAL A 105 0.67 14.27 -27.82
N PRO A 106 1.55 13.47 -27.23
CA PRO A 106 1.23 12.08 -26.95
C PRO A 106 0.59 11.90 -25.58
N THR A 107 -0.09 10.76 -25.43
CA THR A 107 -0.73 10.35 -24.19
C THR A 107 -0.40 8.89 -23.93
N ALA A 108 -0.04 8.56 -22.68
CA ALA A 108 0.40 7.21 -22.32
C ALA A 108 0.13 7.02 -20.84
N LYS A 109 -1.07 6.55 -20.51
CA LYS A 109 -1.51 6.38 -19.14
C LYS A 109 -2.03 4.96 -18.96
N PHE A 110 -1.93 4.47 -17.73
CA PHE A 110 -2.34 3.11 -17.45
C PHE A 110 -3.08 3.07 -16.12
N ALA A 111 -4.05 2.17 -16.03
CA ALA A 111 -4.84 2.03 -14.82
C ALA A 111 -4.92 0.56 -14.40
N LEU A 112 -4.89 0.34 -13.08
CA LEU A 112 -4.97 -1.00 -12.51
C LEU A 112 -6.20 -1.08 -11.62
N ASN A 113 -7.03 -2.10 -11.86
CA ASN A 113 -8.28 -2.30 -11.13
C ASN A 113 -9.10 -1.01 -11.02
N GLY A 114 -9.08 -0.20 -12.09
CA GLY A 114 -9.90 0.99 -12.16
C GLY A 114 -9.29 2.27 -11.64
N GLU A 115 -8.04 2.24 -11.20
CA GLU A 115 -7.36 3.43 -10.68
C GLU A 115 -6.11 3.69 -11.50
N GLU A 116 -5.91 4.94 -11.88
CA GLU A 116 -4.74 5.32 -12.63
C GLU A 116 -3.49 5.18 -11.76
N PHE A 117 -2.48 4.51 -12.28
CA PHE A 117 -1.33 4.17 -11.45
C PHE A 117 0.02 4.27 -12.15
N MET A 118 0.07 4.58 -13.44
CA MET A 118 1.33 4.50 -14.16
C MET A 118 1.20 5.23 -15.48
N ASN A 119 2.28 5.90 -15.89
CA ASN A 119 2.34 6.50 -17.21
C ASN A 119 3.68 6.18 -17.85
N PHE A 120 3.82 6.54 -19.13
CA PHE A 120 5.07 6.38 -19.86
C PHE A 120 5.64 7.76 -20.14
N ASP A 121 6.87 7.99 -19.71
CA ASP A 121 7.57 9.24 -19.92
C ASP A 121 8.29 9.17 -21.27
N LEU A 122 7.96 10.08 -22.18
CA LEU A 122 8.56 10.03 -23.51
C LEU A 122 9.89 10.76 -23.60
N LYS A 123 10.26 11.55 -22.57
CA LYS A 123 11.58 12.15 -22.53
C LYS A 123 12.62 11.19 -21.97
N GLN A 124 12.21 10.26 -21.10
CA GLN A 124 13.12 9.27 -20.55
C GLN A 124 12.93 7.88 -21.12
N GLY A 125 11.81 7.63 -21.79
CA GLY A 125 11.50 6.29 -22.26
C GLY A 125 11.37 5.27 -21.16
N THR A 126 10.70 5.61 -20.06
CA THR A 126 10.44 4.65 -18.99
C THR A 126 8.99 4.76 -18.53
N TRP A 127 8.48 3.66 -17.97
CA TRP A 127 7.21 3.66 -17.26
C TRP A 127 7.43 3.96 -15.78
N GLY A 128 6.50 4.68 -15.18
CA GLY A 128 6.66 5.09 -13.79
C GLY A 128 5.35 5.41 -13.12
N GLY A 129 5.38 5.40 -11.79
CA GLY A 129 4.22 5.68 -10.97
C GLY A 129 4.60 5.75 -9.52
N ASP A 130 3.64 6.17 -8.70
CA ASP A 130 3.95 6.49 -7.31
C ASP A 130 4.07 5.26 -6.40
N TRP A 131 3.44 4.15 -6.74
CA TRP A 131 3.31 3.04 -5.82
C TRP A 131 4.06 1.80 -6.31
N PRO A 132 4.34 0.85 -5.41
CA PRO A 132 5.13 -0.33 -5.79
C PRO A 132 4.60 -1.10 -6.99
N GLU A 133 3.28 -1.20 -7.15
CA GLU A 133 2.73 -1.94 -8.30
C GLU A 133 3.18 -1.31 -9.62
N ALA A 134 3.24 0.01 -9.68
CA ALA A 134 3.77 0.66 -10.87
C ALA A 134 5.22 0.26 -11.12
N LEU A 135 6.07 0.35 -10.09
CA LEU A 135 7.50 0.08 -10.29
C LEU A 135 7.74 -1.36 -10.70
N ALA A 136 6.98 -2.30 -10.13
CA ALA A 136 7.13 -3.70 -10.52
C ALA A 136 6.77 -3.91 -11.99
N ILE A 137 5.62 -3.39 -12.42
CA ILE A 137 5.26 -3.51 -13.84
C ILE A 137 6.28 -2.81 -14.71
N SER A 138 6.68 -1.60 -14.31
CA SER A 138 7.72 -0.88 -15.05
C SER A 138 8.98 -1.74 -15.19
N GLN A 139 9.44 -2.34 -14.09
CA GLN A 139 10.68 -3.13 -14.15
C GLN A 139 10.52 -4.38 -15.00
N ARG A 140 9.36 -5.03 -14.96
CA ARG A 140 9.15 -6.21 -15.79
C ARG A 140 9.14 -5.86 -17.28
N TRP A 141 8.64 -4.68 -17.63
CA TRP A 141 8.64 -4.31 -19.04
C TRP A 141 10.01 -3.84 -19.48
N GLN A 142 10.74 -3.12 -18.62
CA GLN A 142 12.12 -2.75 -18.92
C GLN A 142 12.95 -3.99 -19.27
N GLN A 143 12.66 -5.12 -18.63
CA GLN A 143 13.43 -6.34 -18.85
C GLN A 143 13.31 -6.81 -20.29
N GLN A 144 12.10 -6.75 -20.87
CA GLN A 144 11.94 -7.19 -22.25
C GLN A 144 12.71 -6.30 -23.19
N ASP A 145 13.48 -6.93 -24.07
CA ASP A 145 14.35 -6.20 -24.99
C ASP A 145 13.53 -5.35 -25.94
N LYS A 146 13.88 -4.06 -26.03
CA LYS A 146 13.29 -3.10 -26.96
C LYS A 146 11.82 -2.84 -26.70
N ALA A 147 11.34 -3.17 -25.50
CA ALA A 147 9.95 -2.87 -25.17
C ALA A 147 9.72 -1.38 -25.07
N ALA A 148 10.62 -0.66 -24.40
CA ALA A 148 10.49 0.79 -24.29
C ALA A 148 10.69 1.47 -25.63
N ASN A 149 11.52 0.88 -26.51
CA ASN A 149 11.76 1.44 -27.83
C ASN A 149 10.48 1.40 -28.65
N LYS A 150 9.86 0.23 -28.74
CA LYS A 150 8.61 0.10 -29.48
C LYS A 150 7.52 0.97 -28.87
N GLU A 151 7.52 1.10 -27.54
CA GLU A 151 6.53 1.95 -26.87
C GLU A 151 6.65 3.40 -27.33
N LEU A 152 7.87 3.93 -27.33
CA LEU A 152 8.06 5.31 -27.75
C LEU A 152 7.76 5.50 -29.23
N THR A 153 8.18 4.54 -30.06
CA THR A 153 7.94 4.64 -31.50
C THR A 153 6.44 4.68 -31.81
N PHE A 154 5.67 3.80 -31.16
CA PHE A 154 4.22 3.78 -31.31
C PHE A 154 3.60 5.15 -31.03
N LEU A 155 4.09 5.85 -30.02
CA LEU A 155 3.52 7.12 -29.59
C LEU A 155 4.01 8.31 -30.41
N LEU A 156 5.30 8.35 -30.75
CA LEU A 156 5.88 9.54 -31.36
C LEU A 156 5.99 9.46 -32.88
N PHE A 157 6.02 8.27 -33.45
CA PHE A 157 6.03 8.12 -34.90
C PHE A 157 4.76 7.51 -35.44
N SER A 158 4.35 6.35 -34.92
CA SER A 158 3.24 5.62 -35.53
C SER A 158 1.91 6.34 -35.35
N CYS A 159 1.61 6.77 -34.12
CA CYS A 159 0.34 7.45 -33.87
C CYS A 159 0.18 8.71 -34.71
N PRO A 160 1.10 9.69 -34.68
CA PRO A 160 0.94 10.86 -35.56
C PRO A 160 0.85 10.47 -37.02
N HIS A 161 1.55 9.42 -37.43
CA HIS A 161 1.49 8.99 -38.82
C HIS A 161 0.13 8.41 -39.15
N ARG A 162 -0.35 7.47 -38.33
CA ARG A 162 -1.68 6.92 -38.52
C ARG A 162 -2.75 8.00 -38.50
N LEU A 163 -2.60 8.98 -37.60
CA LEU A 163 -3.58 10.05 -37.49
C LEU A 163 -3.61 10.91 -38.74
N ARG A 164 -2.43 11.27 -39.27
CA ARG A 164 -2.39 12.10 -40.47
C ARG A 164 -2.89 11.33 -41.68
N GLU A 165 -2.61 10.03 -41.77
CA GLU A 165 -3.15 9.21 -42.86
C GLU A 165 -4.67 9.25 -42.87
N HIS A 166 -5.29 9.05 -41.71
CA HIS A 166 -6.75 9.07 -41.66
C HIS A 166 -7.30 10.46 -41.90
N LEU A 167 -6.50 11.50 -41.70
CA LEU A 167 -6.99 12.85 -41.96
C LEU A 167 -7.08 13.13 -43.46
N GLU A 168 -6.14 12.61 -44.25
CA GLU A 168 -6.11 12.93 -45.67
C GLU A 168 -6.87 11.92 -46.52
N ARG A 169 -7.55 10.96 -45.91
CA ARG A 169 -8.20 9.90 -46.68
C ARG A 169 -9.48 9.43 -46.00
N GLY A 170 -9.71 9.88 -44.77
CA GLY A 170 -10.97 9.64 -44.10
C GLY A 170 -11.57 10.96 -43.65
N ARG A 171 -11.13 12.03 -44.32
CA ARG A 171 -11.56 13.39 -43.97
C ARG A 171 -13.07 13.51 -43.97
N GLY A 172 -13.75 12.80 -44.86
CA GLY A 172 -15.20 12.83 -44.85
C GLY A 172 -15.80 12.26 -43.58
N ASN A 173 -15.19 11.21 -43.04
CA ASN A 173 -15.74 10.55 -41.86
C ASN A 173 -15.72 11.47 -40.64
N LEU A 174 -14.64 12.25 -40.50
CA LEU A 174 -14.49 13.10 -39.32
C LEU A 174 -15.33 14.35 -39.43
N GLU A 175 -15.41 14.91 -40.63
CA GLU A 175 -16.24 16.08 -40.88
C GLU A 175 -17.70 15.71 -41.14
N TRP A 176 -18.06 14.45 -40.91
CA TRP A 176 -19.45 14.03 -40.99
C TRP A 176 -20.33 14.90 -40.11
N LYS A 177 -21.37 15.48 -40.71
CA LYS A 177 -22.32 16.32 -40.00
C LYS A 177 -23.73 15.76 -40.21
N GLU A 178 -24.28 15.16 -39.17
CA GLU A 178 -25.63 14.61 -39.19
C GLU A 178 -26.47 15.39 -38.20
N PRO A 179 -27.37 16.26 -38.67
CA PRO A 179 -28.20 17.02 -37.74
C PRO A 179 -29.16 16.10 -37.00
N PRO A 180 -29.61 16.48 -35.81
CA PRO A 180 -30.53 15.62 -35.05
C PRO A 180 -31.96 15.75 -35.52
N SER A 181 -32.73 14.68 -35.35
CA SER A 181 -34.18 14.78 -35.41
C SER A 181 -34.71 15.07 -34.01
N MET A 182 -35.64 16.01 -33.91
CA MET A 182 -36.04 16.56 -32.63
C MET A 182 -37.48 16.19 -32.29
N ARG A 183 -37.73 16.00 -30.99
CA ARG A 183 -39.06 15.77 -30.43
C ARG A 183 -39.16 16.50 -29.11
N LEU A 184 -40.33 17.06 -28.83
CA LEU A 184 -40.63 17.70 -27.56
C LEU A 184 -41.99 17.15 -27.09
N LYS A 185 -41.95 16.24 -26.13
CA LYS A 185 -43.15 15.58 -25.64
C LYS A 185 -43.34 15.92 -24.18
N ALA A 186 -44.59 15.84 -23.72
CA ALA A 186 -44.94 16.10 -22.35
C ALA A 186 -45.73 14.93 -21.81
N ARG A 187 -45.61 14.70 -20.51
CA ARG A 187 -46.37 13.64 -19.84
C ARG A 187 -46.69 14.12 -18.44
N PRO A 188 -47.81 13.69 -17.87
CA PRO A 188 -48.12 14.08 -16.48
C PRO A 188 -47.12 13.45 -15.52
N SER A 189 -46.77 14.21 -14.48
CA SER A 189 -45.74 13.79 -13.54
C SER A 189 -46.11 13.93 -12.08
N SER A 190 -47.16 14.67 -11.75
CA SER A 190 -47.42 15.05 -10.38
C SER A 190 -48.72 15.84 -10.36
N PRO A 191 -49.41 15.96 -9.22
CA PRO A 191 -50.62 16.79 -9.16
C PRO A 191 -50.41 18.20 -9.70
N GLY A 192 -50.97 18.48 -10.87
CA GLY A 192 -50.82 19.80 -11.49
C GLY A 192 -49.45 20.09 -12.04
N PHE A 193 -48.72 19.06 -12.47
CA PHE A 193 -47.37 19.22 -13.00
C PHE A 193 -47.14 18.26 -14.15
N SER A 194 -46.25 18.64 -15.05
CA SER A 194 -45.84 17.81 -16.16
C SER A 194 -44.32 17.80 -16.24
N VAL A 195 -43.78 16.81 -16.93
CA VAL A 195 -42.38 16.81 -17.30
C VAL A 195 -42.30 16.99 -18.82
N LEU A 196 -41.48 17.93 -19.23
CA LEU A 196 -41.21 18.20 -20.64
C LEU A 196 -39.88 17.54 -20.98
N THR A 197 -39.88 16.67 -21.98
CA THR A 197 -38.65 16.03 -22.43
C THR A 197 -38.36 16.44 -23.86
N CYS A 198 -37.23 17.11 -24.06
CA CYS A 198 -36.72 17.44 -25.38
C CYS A 198 -35.63 16.43 -25.72
N SER A 199 -35.84 15.66 -26.80
CA SER A 199 -34.92 14.61 -27.19
C SER A 199 -34.38 14.87 -28.59
N ALA A 200 -33.08 14.69 -28.76
CA ALA A 200 -32.40 14.76 -30.05
C ALA A 200 -31.98 13.35 -30.46
N PHE A 201 -32.20 13.01 -31.72
CA PHE A 201 -32.01 11.65 -32.21
C PHE A 201 -30.96 11.62 -33.30
N SER A 202 -30.09 10.60 -33.22
CA SER A 202 -29.21 10.17 -34.30
C SER A 202 -28.44 11.33 -34.93
N PHE A 203 -27.66 12.03 -34.10
CA PHE A 203 -26.85 13.14 -34.56
C PHE A 203 -25.37 12.87 -34.39
N TYR A 204 -24.56 13.53 -35.21
CA TYR A 204 -23.11 13.50 -35.13
C TYR A 204 -22.61 14.83 -35.68
N PRO A 205 -21.62 15.46 -35.05
CA PRO A 205 -20.81 15.10 -33.88
C PRO A 205 -21.57 15.20 -32.55
N PRO A 206 -20.99 14.67 -31.46
CA PRO A 206 -21.74 14.62 -30.18
C PRO A 206 -21.94 15.97 -29.53
N GLU A 207 -21.18 16.99 -29.90
CA GLU A 207 -21.38 18.32 -29.32
C GLU A 207 -22.77 18.83 -29.65
N LEU A 208 -23.58 19.07 -28.62
CA LEU A 208 -24.96 19.50 -28.81
C LEU A 208 -25.46 20.15 -27.53
N GLN A 209 -26.22 21.23 -27.68
CA GLN A 209 -26.77 21.98 -26.56
C GLN A 209 -28.30 22.02 -26.67
N LEU A 210 -28.96 21.65 -25.57
CA LEU A 210 -30.41 21.73 -25.43
C LEU A 210 -30.76 22.75 -24.35
N ARG A 211 -31.65 23.68 -24.67
CA ARG A 211 -32.15 24.63 -23.69
C ARG A 211 -33.66 24.77 -23.85
N PHE A 212 -34.31 25.24 -22.80
CA PHE A 212 -35.75 25.42 -22.79
C PHE A 212 -36.10 26.89 -22.76
N LEU A 213 -37.07 27.28 -23.58
CA LEU A 213 -37.64 28.61 -23.60
C LEU A 213 -39.10 28.53 -23.21
N ARG A 214 -39.56 29.51 -22.42
CA ARG A 214 -40.98 29.70 -22.15
C ARG A 214 -41.42 31.01 -22.78
N ASN A 215 -42.29 30.92 -23.78
CA ASN A 215 -42.75 32.08 -24.57
C ASN A 215 -41.57 32.87 -25.13
N GLY A 216 -40.47 32.16 -25.45
CA GLY A 216 -39.28 32.76 -26.00
C GLY A 216 -38.22 33.11 -24.97
N LEU A 217 -38.60 33.35 -23.72
CA LEU A 217 -37.62 33.69 -22.70
C LEU A 217 -36.95 32.44 -22.16
N ALA A 218 -35.70 32.60 -21.72
CA ALA A 218 -34.92 31.47 -21.21
C ALA A 218 -35.62 30.83 -20.01
N ALA A 219 -35.49 29.52 -19.90
CA ALA A 219 -36.21 28.76 -18.88
C ALA A 219 -35.40 27.63 -18.26
N GLY A 220 -34.18 27.39 -18.71
CA GLY A 220 -33.30 26.42 -18.09
C GLY A 220 -32.72 25.46 -19.09
N THR A 221 -31.77 24.66 -18.60
CA THR A 221 -31.16 23.61 -19.40
C THR A 221 -31.88 22.27 -19.26
N GLY A 222 -32.52 22.03 -18.12
CA GLY A 222 -32.99 20.72 -17.80
C GLY A 222 -31.84 19.80 -17.43
N GLN A 223 -32.16 18.64 -16.88
CA GLN A 223 -31.17 17.61 -16.58
C GLN A 223 -31.17 16.62 -17.74
N GLY A 224 -29.97 16.35 -18.27
CA GLY A 224 -29.84 15.68 -19.55
C GLY A 224 -28.95 14.46 -19.47
N ASP A 225 -28.85 13.78 -20.63
CA ASP A 225 -28.08 12.56 -20.76
C ASP A 225 -27.71 12.38 -22.23
N PHE A 226 -26.43 12.15 -22.49
CA PHE A 226 -25.96 11.75 -23.81
C PHE A 226 -25.81 10.24 -23.86
N GLY A 227 -25.87 9.69 -25.06
CA GLY A 227 -25.61 8.29 -25.27
C GLY A 227 -25.38 8.02 -26.75
N PRO A 228 -24.69 6.94 -27.06
CA PRO A 228 -24.42 6.61 -28.47
C PRO A 228 -25.49 5.72 -29.08
N ASN A 229 -25.46 5.63 -30.40
CA ASN A 229 -26.22 4.64 -31.16
C ASN A 229 -25.26 3.63 -31.75
N SER A 230 -25.83 2.57 -32.33
CA SER A 230 -25.02 1.50 -32.89
C SER A 230 -24.15 1.93 -34.07
N ASP A 231 -24.44 3.07 -34.69
CA ASP A 231 -23.69 3.50 -35.87
C ASP A 231 -22.70 4.61 -35.56
N GLY A 232 -22.49 4.94 -34.29
CA GLY A 232 -21.58 6.00 -33.93
C GLY A 232 -22.20 7.37 -33.78
N SER A 233 -23.46 7.54 -34.19
CA SER A 233 -24.17 8.78 -33.93
C SER A 233 -24.60 8.81 -32.47
N PHE A 234 -25.24 9.91 -32.06
CA PHE A 234 -25.55 10.12 -30.67
C PHE A 234 -27.01 10.47 -30.45
N HIS A 235 -27.41 10.36 -29.19
CA HIS A 235 -28.74 10.66 -28.70
C HIS A 235 -28.58 11.55 -27.48
N ALA A 236 -29.55 12.43 -27.25
CA ALA A 236 -29.54 13.26 -26.05
C ALA A 236 -30.98 13.58 -25.67
N SER A 237 -31.17 13.95 -24.41
CA SER A 237 -32.47 14.41 -23.97
C SER A 237 -32.33 15.15 -22.65
N SER A 238 -33.12 16.21 -22.47
CA SER A 238 -33.22 16.93 -21.21
C SER A 238 -34.68 17.04 -20.81
N SER A 239 -34.92 17.07 -19.50
CA SER A 239 -36.27 17.13 -18.98
C SER A 239 -36.44 18.30 -18.03
N LEU A 240 -37.68 18.74 -17.88
CA LEU A 240 -38.00 19.95 -17.14
C LEU A 240 -39.40 19.81 -16.58
N THR A 241 -39.60 20.25 -15.35
CA THR A 241 -40.90 20.14 -14.72
C THR A 241 -41.64 21.46 -14.86
N VAL A 242 -42.85 21.39 -15.40
CA VAL A 242 -43.62 22.57 -15.74
C VAL A 242 -45.02 22.45 -15.12
N LYS A 243 -45.70 23.59 -15.06
CA LYS A 243 -47.09 23.60 -14.64
C LYS A 243 -47.93 22.81 -15.64
N SER A 244 -48.91 22.08 -15.13
CA SER A 244 -49.87 21.45 -16.03
C SER A 244 -50.67 22.51 -16.78
N GLY A 245 -51.04 22.20 -18.01
CA GLY A 245 -51.76 23.16 -18.83
C GLY A 245 -50.91 24.29 -19.37
N ASP A 246 -49.64 24.37 -18.98
CA ASP A 246 -48.73 25.41 -19.42
C ASP A 246 -47.67 24.86 -20.37
N GLU A 247 -47.79 23.58 -20.75
CA GLU A 247 -46.74 22.90 -21.50
C GLU A 247 -46.52 23.53 -22.86
N HIS A 248 -47.59 23.90 -23.55
CA HIS A 248 -47.44 24.39 -24.92
C HIS A 248 -46.75 25.74 -24.98
N HIS A 249 -46.69 26.46 -23.87
CA HIS A 249 -46.00 27.75 -23.88
C HIS A 249 -44.48 27.58 -23.91
N TYR A 250 -43.97 26.36 -23.80
CA TYR A 250 -42.55 26.09 -23.81
C TYR A 250 -42.09 25.65 -25.18
N CYS A 251 -40.78 25.80 -25.41
CA CYS A 251 -40.17 25.19 -26.58
C CYS A 251 -38.72 24.89 -26.27
N CYS A 252 -38.14 24.05 -27.10
CA CYS A 252 -36.77 23.57 -26.94
C CYS A 252 -35.94 24.11 -28.08
N ILE A 253 -34.77 24.64 -27.77
CA ILE A 253 -33.85 25.15 -28.78
C ILE A 253 -32.58 24.32 -28.72
N VAL A 254 -32.14 23.85 -29.88
CA VAL A 254 -31.01 22.95 -30.01
C VAL A 254 -29.96 23.62 -30.88
N GLN A 255 -28.70 23.54 -30.44
CA GLN A 255 -27.56 24.03 -31.20
C GLN A 255 -26.68 22.84 -31.59
N HIS A 256 -26.37 22.73 -32.87
CA HIS A 256 -25.57 21.62 -33.34
C HIS A 256 -24.87 22.03 -34.64
N ALA A 257 -23.67 21.48 -34.84
CA ALA A 257 -22.90 21.82 -36.03
C ALA A 257 -23.55 21.32 -37.31
N GLY A 258 -24.49 20.38 -37.22
CA GLY A 258 -25.24 19.93 -38.38
C GLY A 258 -26.42 20.81 -38.77
N LEU A 259 -26.71 21.82 -37.97
CA LEU A 259 -27.77 22.77 -38.25
C LEU A 259 -27.18 24.10 -38.68
N ALA A 260 -27.78 24.71 -39.71
CA ALA A 260 -27.30 26.01 -40.18
C ALA A 260 -27.46 27.09 -39.13
N GLN A 261 -28.39 26.93 -38.20
CA GLN A 261 -28.61 27.88 -37.13
C GLN A 261 -29.38 27.18 -36.02
N PRO A 262 -29.44 27.77 -34.81
CA PRO A 262 -30.25 27.18 -33.75
C PRO A 262 -31.69 26.91 -34.20
N LEU A 263 -32.18 25.72 -33.87
CA LEU A 263 -33.49 25.26 -34.27
C LEU A 263 -34.45 25.32 -33.08
N ARG A 264 -35.63 25.91 -33.31
CA ARG A 264 -36.68 25.93 -32.30
C ARG A 264 -37.59 24.74 -32.52
N VAL A 265 -37.85 24.00 -31.44
CA VAL A 265 -38.70 22.81 -31.48
C VAL A 265 -39.86 23.05 -30.52
N GLU A 266 -41.07 22.84 -30.99
CA GLU A 266 -42.24 23.06 -30.15
C GLU A 266 -42.92 21.73 -29.83
N LEU A 267 -43.84 21.79 -28.87
CA LEU A 267 -44.53 20.60 -28.38
C LEU A 267 -45.24 19.87 -29.52
N GLU A 268 -45.30 18.54 -29.40
CA GLU A 268 -46.01 17.69 -30.35
C GLU A 268 -47.51 18.00 -30.36
N SER A 269 -48.21 17.42 -31.33
CA SER A 269 -49.64 17.72 -31.54
C SER A 269 -50.60 16.68 -30.97
N ILE B 1 -11.25 -1.50 -7.72
CA ILE B 1 -12.39 -0.80 -7.16
C ILE B 1 -13.68 -1.33 -7.77
N GLN B 2 -14.80 -0.81 -7.27
CA GLN B 2 -16.12 -1.10 -7.82
C GLN B 2 -16.80 0.19 -8.24
N ARG B 3 -17.55 0.14 -9.34
CA ARG B 3 -18.40 1.25 -9.78
C ARG B 3 -19.74 0.71 -10.25
N THR B 4 -20.82 1.34 -9.80
CA THR B 4 -22.16 0.88 -10.17
C THR B 4 -22.52 1.37 -11.57
N PRO B 5 -23.03 0.50 -12.44
CA PRO B 5 -23.38 0.93 -13.79
C PRO B 5 -24.51 1.93 -13.81
N LYS B 6 -24.46 2.80 -14.81
CA LYS B 6 -25.55 3.71 -15.15
C LYS B 6 -26.25 3.16 -16.38
N ILE B 7 -27.58 3.21 -16.39
CA ILE B 7 -28.38 2.54 -17.41
C ILE B 7 -29.29 3.54 -18.07
N GLN B 8 -29.15 3.69 -19.40
CA GLN B 8 -29.98 4.56 -20.20
C GLN B 8 -30.64 3.75 -21.31
N VAL B 9 -31.94 3.94 -21.50
CA VAL B 9 -32.71 3.20 -22.50
C VAL B 9 -33.38 4.21 -23.41
N TYR B 10 -33.21 4.03 -24.71
CA TYR B 10 -33.76 4.98 -25.69
C TYR B 10 -33.77 4.34 -27.06
N SER B 11 -34.53 4.96 -27.99
CA SER B 11 -34.61 4.48 -29.36
C SER B 11 -33.67 5.27 -30.27
N ARG B 12 -33.25 4.62 -31.35
CA ARG B 12 -32.34 5.26 -32.30
C ARG B 12 -32.99 6.46 -32.99
N HIS B 13 -34.26 6.32 -33.34
CA HIS B 13 -35.06 7.33 -34.03
C HIS B 13 -36.32 7.58 -33.24
N PRO B 14 -36.98 8.72 -33.46
CA PRO B 14 -38.22 9.02 -32.75
C PRO B 14 -39.22 7.88 -32.92
N ALA B 15 -39.85 7.50 -31.81
CA ALA B 15 -40.73 6.35 -31.80
C ALA B 15 -42.01 6.67 -32.56
N GLU B 16 -42.33 5.85 -33.56
CA GLU B 16 -43.58 5.92 -34.30
C GLU B 16 -44.22 4.54 -34.31
N ASN B 17 -45.41 4.42 -33.73
CA ASN B 17 -46.04 3.11 -33.61
C ASN B 17 -46.22 2.47 -34.98
N GLY B 18 -45.83 1.20 -35.08
CA GLY B 18 -45.90 0.46 -36.31
C GLY B 18 -44.68 0.57 -37.21
N LYS B 19 -43.79 1.52 -36.93
CA LYS B 19 -42.62 1.77 -37.76
C LYS B 19 -41.37 1.15 -37.11
N SER B 20 -40.54 0.52 -37.94
CA SER B 20 -39.33 -0.10 -37.43
C SER B 20 -38.38 0.93 -36.83
N ASN B 21 -37.59 0.48 -35.87
CA ASN B 21 -36.72 1.37 -35.10
C ASN B 21 -35.61 0.52 -34.49
N PHE B 22 -34.81 1.11 -33.62
CA PHE B 22 -33.78 0.39 -32.86
C PHE B 22 -33.88 0.81 -31.41
N LEU B 23 -33.88 -0.18 -30.52
CA LEU B 23 -33.92 0.06 -29.09
C LEU B 23 -32.52 -0.07 -28.52
N ASN B 24 -32.09 0.96 -27.78
CA ASN B 24 -30.76 0.98 -27.20
C ASN B 24 -30.81 0.86 -25.68
N CYS B 25 -29.87 0.10 -25.13
CA CYS B 25 -29.56 0.13 -23.69
C CYS B 25 -28.09 0.46 -23.53
N TYR B 26 -27.80 1.65 -23.01
CA TYR B 26 -26.44 2.14 -22.87
C TYR B 26 -26.05 2.04 -21.39
N VAL B 27 -25.12 1.14 -21.09
CA VAL B 27 -24.69 0.86 -19.72
C VAL B 27 -23.28 1.42 -19.58
N SER B 28 -23.10 2.33 -18.63
CA SER B 28 -21.85 3.08 -18.54
C SER B 28 -21.41 3.21 -17.09
N GLY B 29 -20.17 3.69 -16.92
CA GLY B 29 -19.68 4.06 -15.61
C GLY B 29 -19.41 2.94 -14.63
N PHE B 30 -19.25 1.71 -15.11
CA PHE B 30 -19.12 0.58 -14.21
C PHE B 30 -17.68 0.05 -14.20
N HIS B 31 -17.37 -0.66 -13.11
CA HIS B 31 -16.10 -1.34 -12.90
C HIS B 31 -16.35 -2.41 -11.85
N PRO B 32 -15.81 -3.62 -12.01
CA PRO B 32 -15.02 -4.09 -13.15
C PRO B 32 -15.89 -4.36 -14.39
N SER B 33 -15.29 -4.94 -15.43
CA SER B 33 -15.88 -4.98 -16.77
C SER B 33 -16.91 -6.07 -16.97
N ASP B 34 -17.00 -7.05 -16.07
CA ASP B 34 -17.98 -8.11 -16.19
C ASP B 34 -19.38 -7.53 -16.00
N ILE B 35 -20.22 -7.60 -17.02
CA ILE B 35 -21.59 -7.11 -16.93
C ILE B 35 -22.49 -8.00 -17.78
N GLU B 36 -23.75 -8.06 -17.39
CA GLU B 36 -24.74 -8.89 -18.08
C GLU B 36 -25.96 -8.04 -18.38
N VAL B 37 -26.38 -8.04 -19.64
CA VAL B 37 -27.43 -7.14 -20.10
C VAL B 37 -28.40 -7.92 -20.97
N ASP B 38 -29.69 -7.78 -20.67
CA ASP B 38 -30.76 -8.35 -21.48
C ASP B 38 -31.72 -7.24 -21.88
N LEU B 39 -32.17 -7.28 -23.12
CA LEU B 39 -33.28 -6.45 -23.57
C LEU B 39 -34.55 -7.29 -23.51
N LEU B 40 -35.62 -6.71 -22.97
CA LEU B 40 -36.85 -7.46 -22.73
C LEU B 40 -37.98 -6.87 -23.56
N LYS B 41 -38.79 -7.75 -24.15
CA LYS B 41 -40.06 -7.38 -24.78
C LYS B 41 -41.17 -8.02 -23.96
N ASN B 42 -41.93 -7.19 -23.24
CA ASN B 42 -42.98 -7.63 -22.34
C ASN B 42 -42.48 -8.63 -21.30
N GLY B 43 -41.23 -8.48 -20.84
CA GLY B 43 -40.71 -9.28 -19.76
C GLY B 43 -39.91 -10.50 -20.19
N GLU B 44 -39.85 -10.78 -21.48
CA GLU B 44 -39.14 -11.94 -22.01
C GLU B 44 -37.91 -11.48 -22.78
N ARG B 45 -36.83 -12.23 -22.64
CA ARG B 45 -35.56 -11.88 -23.26
C ARG B 45 -35.67 -11.87 -24.79
N ILE B 46 -35.23 -10.78 -25.41
CA ILE B 46 -35.12 -10.72 -26.87
C ILE B 46 -33.86 -11.48 -27.28
N GLU B 47 -34.01 -12.39 -28.24
CA GLU B 47 -32.90 -13.28 -28.61
C GLU B 47 -31.90 -12.59 -29.53
N LYS B 48 -32.36 -11.76 -30.45
CA LYS B 48 -31.49 -11.20 -31.48
C LYS B 48 -31.01 -9.82 -31.05
N VAL B 49 -30.16 -9.80 -30.03
CA VAL B 49 -29.60 -8.57 -29.50
C VAL B 49 -28.12 -8.53 -29.81
N GLU B 50 -27.63 -7.35 -30.17
CA GLU B 50 -26.22 -7.12 -30.44
C GLU B 50 -25.68 -6.09 -29.45
N HIS B 51 -24.36 -5.91 -29.46
CA HIS B 51 -23.75 -4.93 -28.59
C HIS B 51 -22.46 -4.42 -29.22
N SER B 52 -22.04 -3.25 -28.77
CA SER B 52 -20.79 -2.65 -29.22
C SER B 52 -19.61 -3.26 -28.45
N ASP B 53 -18.40 -2.84 -28.81
CA ASP B 53 -17.22 -3.25 -28.08
C ASP B 53 -17.24 -2.66 -26.67
N LEU B 54 -16.91 -3.49 -25.69
CA LEU B 54 -16.68 -3.02 -24.34
C LEU B 54 -15.58 -1.95 -24.37
N SER B 55 -15.93 -0.71 -24.08
CA SER B 55 -14.99 0.40 -24.11
C SER B 55 -14.93 1.07 -22.73
N PHE B 56 -14.13 2.12 -22.61
CA PHE B 56 -14.13 2.85 -21.35
C PHE B 56 -13.86 4.33 -21.59
N SER B 57 -14.27 5.13 -20.60
CA SER B 57 -14.22 6.57 -20.65
C SER B 57 -12.87 7.06 -20.10
N LYS B 58 -12.73 8.38 -19.92
CA LYS B 58 -11.46 8.91 -19.47
C LYS B 58 -11.20 8.64 -17.98
N ASP B 59 -12.26 8.43 -17.19
CA ASP B 59 -12.12 8.07 -15.79
C ASP B 59 -11.93 6.56 -15.59
N TRP B 60 -11.67 5.82 -16.67
CA TRP B 60 -11.39 4.39 -16.74
C TRP B 60 -12.63 3.51 -16.53
N SER B 61 -13.79 4.07 -16.22
CA SER B 61 -15.00 3.26 -16.09
C SER B 61 -15.47 2.77 -17.46
N PHE B 62 -16.05 1.57 -17.48
CA PHE B 62 -16.43 0.91 -18.72
C PHE B 62 -17.84 1.28 -19.13
N TYR B 63 -18.08 1.23 -20.44
CA TYR B 63 -19.41 1.46 -21.01
C TYR B 63 -19.64 0.53 -22.18
N LEU B 64 -20.92 0.38 -22.51
CA LEU B 64 -21.36 -0.69 -23.39
C LEU B 64 -22.75 -0.36 -23.91
N LEU B 65 -22.96 -0.46 -25.21
CA LEU B 65 -24.27 -0.22 -25.81
C LEU B 65 -24.82 -1.53 -26.36
N TYR B 66 -25.99 -1.94 -25.86
CA TYR B 66 -26.77 -3.05 -26.41
C TYR B 66 -27.90 -2.50 -27.27
N TYR B 67 -28.16 -3.15 -28.40
CA TYR B 67 -29.18 -2.65 -29.31
C TYR B 67 -29.80 -3.79 -30.08
N THR B 68 -31.08 -3.61 -30.43
CA THR B 68 -31.79 -4.59 -31.24
C THR B 68 -32.80 -3.87 -32.11
N GLU B 69 -33.08 -4.44 -33.26
CA GLU B 69 -34.12 -3.92 -34.13
C GLU B 69 -35.48 -4.27 -33.54
N PHE B 70 -36.44 -3.36 -33.67
CA PHE B 70 -37.78 -3.59 -33.14
C PHE B 70 -38.78 -2.63 -33.77
N THR B 71 -40.06 -2.94 -33.57
CA THR B 71 -41.16 -2.10 -34.02
C THR B 71 -42.01 -1.69 -32.82
N PRO B 72 -41.95 -0.44 -32.38
CA PRO B 72 -42.75 0.01 -31.24
C PRO B 72 -44.25 -0.21 -31.45
N THR B 73 -44.96 -0.20 -30.33
CA THR B 73 -46.39 -0.45 -30.28
C THR B 73 -46.92 0.22 -29.03
N GLU B 74 -48.17 0.70 -29.11
CA GLU B 74 -48.74 1.38 -27.95
C GLU B 74 -48.84 0.46 -26.74
N LYS B 75 -49.02 -0.84 -26.96
CA LYS B 75 -49.19 -1.78 -25.86
C LYS B 75 -47.87 -2.40 -25.41
N ASP B 76 -47.00 -2.77 -26.36
CA ASP B 76 -45.80 -3.52 -26.03
C ASP B 76 -44.92 -2.75 -25.04
N GLU B 77 -44.27 -3.52 -24.17
CA GLU B 77 -43.53 -3.00 -23.02
C GLU B 77 -42.09 -3.46 -23.13
N TYR B 78 -41.16 -2.53 -23.28
CA TYR B 78 -39.74 -2.84 -23.44
C TYR B 78 -38.95 -2.39 -22.22
N ALA B 79 -37.91 -3.16 -21.87
CA ALA B 79 -37.11 -2.87 -20.70
C ALA B 79 -35.70 -3.43 -20.90
N CYS B 80 -34.76 -2.94 -20.08
CA CYS B 80 -33.39 -3.40 -20.10
C CYS B 80 -33.04 -3.98 -18.72
N ARG B 81 -32.63 -5.25 -18.70
CA ARG B 81 -32.26 -5.94 -17.47
C ARG B 81 -30.75 -6.01 -17.36
N VAL B 82 -30.19 -5.47 -16.28
CA VAL B 82 -28.75 -5.34 -16.11
C VAL B 82 -28.35 -5.97 -14.78
N ASN B 83 -27.33 -6.84 -14.81
CA ASN B 83 -26.75 -7.41 -13.60
C ASN B 83 -25.26 -7.13 -13.54
N HIS B 84 -24.80 -6.79 -12.33
CA HIS B 84 -23.42 -6.39 -12.08
C HIS B 84 -23.11 -6.67 -10.63
N VAL B 85 -21.83 -6.93 -10.34
CA VAL B 85 -21.42 -7.32 -9.00
C VAL B 85 -21.78 -6.24 -7.98
N THR B 86 -22.04 -5.01 -8.41
CA THR B 86 -22.43 -3.93 -7.52
C THR B 86 -23.94 -3.87 -7.29
N LEU B 87 -24.68 -4.87 -7.77
CA LEU B 87 -26.14 -4.86 -7.67
C LEU B 87 -26.61 -6.07 -6.89
N SER B 88 -27.34 -5.83 -5.80
CA SER B 88 -27.93 -6.91 -5.03
C SER B 88 -28.87 -7.75 -5.89
N GLN B 89 -29.69 -7.10 -6.70
CA GLN B 89 -30.61 -7.77 -7.61
C GLN B 89 -30.54 -7.12 -8.97
N PRO B 90 -30.89 -7.85 -10.03
CA PRO B 90 -30.88 -7.26 -11.37
C PRO B 90 -31.69 -5.97 -11.40
N LYS B 91 -31.19 -5.02 -12.18
CA LYS B 91 -31.79 -3.69 -12.28
C LYS B 91 -32.50 -3.59 -13.63
N ILE B 92 -33.80 -3.36 -13.60
CA ILE B 92 -34.62 -3.34 -14.81
C ILE B 92 -35.09 -1.91 -15.04
N VAL B 93 -34.73 -1.36 -16.19
CA VAL B 93 -35.09 0.00 -16.57
C VAL B 93 -35.99 -0.08 -17.79
N LYS B 94 -37.21 0.43 -17.65
CA LYS B 94 -38.21 0.40 -18.70
C LYS B 94 -37.90 1.47 -19.74
N TRP B 95 -38.17 1.15 -21.01
CA TRP B 95 -38.05 2.15 -22.06
C TRP B 95 -39.24 3.10 -21.98
N ASP B 96 -38.95 4.38 -21.73
CA ASP B 96 -39.96 5.44 -21.79
C ASP B 96 -39.86 6.11 -23.15
N ARG B 97 -40.97 6.09 -23.89
CA ARG B 97 -40.98 6.63 -25.24
C ARG B 97 -40.55 8.10 -25.27
N ASP B 98 -40.75 8.82 -24.17
CA ASP B 98 -40.45 10.25 -24.14
C ASP B 98 -38.97 10.55 -24.39
N MET B 99 -38.09 9.59 -24.13
CA MET B 99 -36.64 9.82 -24.31
C MET B 99 -36.05 9.08 -25.52
N GLU C 1 24.22 -2.04 0.26
CA GLU C 1 24.46 -0.73 -0.34
C GLU C 1 23.28 0.20 -0.11
N VAL C 2 22.07 -0.36 -0.13
CA VAL C 2 20.88 0.40 0.23
C VAL C 2 20.89 0.69 1.72
N GLN C 3 20.80 1.97 2.08
CA GLN C 3 20.90 2.40 3.46
C GLN C 3 19.77 3.36 3.81
N LEU C 4 19.19 3.18 4.99
CA LEU C 4 18.15 4.07 5.50
C LEU C 4 18.46 4.42 6.95
N LEU C 5 18.58 5.71 7.27
CA LEU C 5 18.96 6.16 8.61
C LEU C 5 17.89 7.10 9.15
N GLU C 6 17.18 6.66 10.18
CA GLU C 6 16.21 7.49 10.89
C GLU C 6 16.90 8.46 11.84
N SER C 7 16.35 9.67 11.95
CA SER C 7 16.82 10.66 12.91
C SER C 7 15.62 11.34 13.55
N GLY C 8 15.87 11.95 14.70
CA GLY C 8 14.88 12.79 15.35
C GLY C 8 14.12 12.14 16.49
N GLY C 9 14.43 10.89 16.83
CA GLY C 9 13.76 10.26 17.95
C GLY C 9 14.12 10.94 19.27
N GLY C 10 13.14 10.97 20.18
CA GLY C 10 13.34 11.62 21.45
C GLY C 10 12.11 11.52 22.32
N LEU C 11 12.12 12.32 23.39
CA LEU C 11 11.04 12.35 24.36
C LEU C 11 10.17 13.58 24.15
N VAL C 12 8.86 13.39 24.13
CA VAL C 12 7.92 14.47 23.88
C VAL C 12 6.81 14.40 24.92
N GLN C 13 6.33 15.57 25.35
CA GLN C 13 5.18 15.60 26.24
C GLN C 13 3.90 15.30 25.44
N PRO C 14 2.88 14.75 26.09
CA PRO C 14 1.60 14.53 25.39
C PRO C 14 1.02 15.84 24.85
N GLY C 15 0.56 15.79 23.60
CA GLY C 15 0.08 16.96 22.90
C GLY C 15 1.14 17.70 22.11
N GLY C 16 2.41 17.29 22.24
CA GLY C 16 3.50 17.93 21.54
C GLY C 16 3.73 17.35 20.16
N SER C 17 4.79 17.81 19.52
CA SER C 17 5.09 17.48 18.15
C SER C 17 6.53 17.02 18.00
N LEU C 18 6.79 16.33 16.89
CA LEU C 18 8.13 15.80 16.61
C LEU C 18 8.24 15.38 15.16
N ARG C 19 9.32 15.78 14.50
CA ARG C 19 9.55 15.47 13.08
C ARG C 19 10.69 14.48 12.95
N LEU C 20 10.37 13.27 12.51
CA LEU C 20 11.36 12.27 12.20
C LEU C 20 11.89 12.47 10.78
N SER C 21 13.11 12.01 10.55
CA SER C 21 13.75 12.09 9.25
C SER C 21 14.38 10.76 8.90
N CYS C 22 14.58 10.53 7.60
CA CYS C 22 15.20 9.31 7.12
C CYS C 22 16.09 9.64 5.92
N ALA C 23 17.38 9.37 6.04
CA ALA C 23 18.36 9.69 5.01
C ALA C 23 18.57 8.42 4.18
N ALA C 24 18.15 8.46 2.91
CA ALA C 24 18.24 7.32 2.04
C ALA C 24 19.45 7.41 1.12
N SER C 25 20.00 6.25 0.77
CA SER C 25 21.17 6.17 -0.09
C SER C 25 21.25 4.77 -0.67
N GLY C 26 21.99 4.66 -1.77
CA GLY C 26 22.18 3.37 -2.42
C GLY C 26 21.14 2.99 -3.45
N PHE C 27 20.25 3.91 -3.81
CA PHE C 27 19.25 3.63 -4.85
C PHE C 27 18.68 4.97 -5.31
N THR C 28 17.91 4.93 -6.40
CA THR C 28 17.30 6.14 -6.94
C THR C 28 16.06 6.45 -6.11
N PHE C 29 16.20 7.43 -5.21
CA PHE C 29 15.19 7.68 -4.19
C PHE C 29 13.84 8.05 -4.80
N SER C 30 13.83 8.88 -5.85
CA SER C 30 12.58 9.34 -6.43
C SER C 30 11.76 8.23 -7.10
N THR C 31 12.36 7.06 -7.34
CA THR C 31 11.65 5.95 -7.96
C THR C 31 10.73 5.21 -6.99
N TYR C 32 11.03 5.24 -5.68
CA TYR C 32 10.39 4.36 -4.72
C TYR C 32 9.44 5.11 -3.80
N ALA C 33 8.25 4.53 -3.60
CA ALA C 33 7.42 4.92 -2.46
C ALA C 33 8.16 4.61 -1.16
N MET C 34 7.86 5.40 -0.13
CA MET C 34 8.48 5.23 1.17
C MET C 34 7.39 5.13 2.24
N GLY C 35 7.72 4.50 3.36
CA GLY C 35 6.77 4.36 4.45
C GLY C 35 7.40 4.34 5.83
N TRP C 36 6.54 4.49 6.83
CA TRP C 36 6.90 4.41 8.22
C TRP C 36 6.10 3.30 8.89
N VAL C 37 6.81 2.39 9.57
CA VAL C 37 6.22 1.31 10.34
C VAL C 37 6.76 1.41 11.77
N ARG C 38 5.86 1.39 12.75
CA ARG C 38 6.25 1.55 14.13
C ARG C 38 5.98 0.27 14.93
N GLN C 39 6.70 0.15 16.05
CA GLN C 39 6.60 -1.02 16.92
C GLN C 39 6.71 -0.55 18.36
N ALA C 40 5.62 -0.69 19.11
CA ALA C 40 5.64 -0.34 20.52
C ALA C 40 6.49 -1.37 21.28
N PRO C 41 7.10 -0.96 22.40
CA PRO C 41 7.99 -1.89 23.13
C PRO C 41 7.27 -3.18 23.48
N GLY C 42 7.83 -4.29 23.01
CA GLY C 42 7.23 -5.60 23.25
C GLY C 42 5.91 -5.85 22.57
N LYS C 43 5.65 -5.19 21.44
CA LYS C 43 4.36 -5.27 20.73
C LYS C 43 4.62 -5.48 19.24
N GLY C 44 3.53 -5.57 18.47
CA GLY C 44 3.64 -5.92 17.07
C GLY C 44 3.98 -4.75 16.15
N LEU C 45 4.23 -5.08 14.89
CA LEU C 45 4.42 -4.07 13.87
C LEU C 45 3.08 -3.39 13.57
N GLU C 46 3.12 -2.06 13.45
CA GLU C 46 1.96 -1.27 13.05
C GLU C 46 2.41 -0.33 11.92
N TRP C 47 1.86 -0.54 10.72
CA TRP C 47 2.10 0.39 9.62
C TRP C 47 1.45 1.73 9.93
N VAL C 48 2.20 2.81 9.71
CA VAL C 48 1.76 4.16 10.08
C VAL C 48 1.31 4.96 8.86
N SER C 49 2.17 5.05 7.85
CA SER C 49 1.95 5.96 6.74
C SER C 49 2.82 5.57 5.56
N SER C 50 2.36 5.96 4.37
CA SER C 50 3.12 5.77 3.14
C SER C 50 3.03 7.03 2.30
N ILE C 51 3.97 7.18 1.38
CA ILE C 51 4.01 8.32 0.48
C ILE C 51 4.46 7.85 -0.89
N GLY C 52 3.83 8.38 -1.93
CA GLY C 52 4.18 7.98 -3.29
C GLY C 52 5.60 8.38 -3.64
N ALA C 53 6.12 7.71 -4.68
CA ALA C 53 7.48 7.96 -5.13
C ALA C 53 7.75 9.44 -5.40
N SER C 54 6.77 10.17 -5.93
CA SER C 54 6.91 11.59 -6.22
C SER C 54 6.34 12.47 -5.12
N GLY C 55 5.81 11.88 -4.05
CA GLY C 55 5.21 12.65 -2.98
C GLY C 55 3.81 13.16 -3.25
N SER C 56 3.23 12.86 -4.42
CA SER C 56 1.91 13.42 -4.74
C SER C 56 0.76 12.72 -4.02
N GLN C 57 0.96 11.49 -3.56
CA GLN C 57 -0.08 10.75 -2.83
C GLN C 57 0.45 10.25 -1.50
N THR C 58 -0.39 10.35 -0.46
CA THR C 58 -0.02 9.95 0.89
C THR C 58 -1.10 9.08 1.48
N ARG C 59 -0.70 8.17 2.37
CA ARG C 59 -1.61 7.26 3.05
C ARG C 59 -1.30 7.24 4.53
N TYR C 60 -2.34 7.02 5.34
CA TYR C 60 -2.23 7.04 6.78
C TYR C 60 -3.14 6.00 7.38
N ALA C 61 -2.65 5.32 8.42
CA ALA C 61 -3.48 4.42 9.20
C ALA C 61 -4.55 5.21 9.96
N ASP C 62 -5.67 4.55 10.24
CA ASP C 62 -6.71 5.18 11.04
C ASP C 62 -6.18 5.71 12.37
N SER C 63 -5.19 5.02 12.95
CA SER C 63 -4.72 5.40 14.29
C SER C 63 -3.99 6.73 14.30
N VAL C 64 -3.52 7.22 13.15
CA VAL C 64 -2.73 8.45 13.07
C VAL C 64 -3.36 9.49 12.16
N LYS C 65 -4.57 9.25 11.65
CA LYS C 65 -5.19 10.14 10.67
C LYS C 65 -5.33 11.56 11.24
N GLY C 66 -4.84 12.54 10.48
CA GLY C 66 -4.98 13.93 10.86
C GLY C 66 -3.95 14.44 11.83
N ARG C 67 -3.24 13.56 12.54
CA ARG C 67 -2.19 14.00 13.44
C ARG C 67 -0.83 13.96 12.78
N PHE C 68 -0.57 12.94 11.97
CA PHE C 68 0.72 12.74 11.33
C PHE C 68 0.67 13.22 9.88
N THR C 69 1.80 13.72 9.40
CA THR C 69 1.93 14.16 8.01
C THR C 69 3.24 13.63 7.46
N ILE C 70 3.17 12.53 6.71
CA ILE C 70 4.33 12.08 5.96
C ILE C 70 4.60 13.05 4.81
N SER C 71 5.88 13.27 4.53
CA SER C 71 6.27 14.12 3.40
C SER C 71 7.64 13.65 2.92
N ARG C 72 8.24 14.43 2.03
CA ARG C 72 9.34 13.90 1.25
C ARG C 72 10.03 15.04 0.51
N ASP C 73 11.35 14.96 0.41
CA ASP C 73 12.14 15.93 -0.36
C ASP C 73 13.09 15.10 -1.22
N ASN C 74 12.76 14.95 -2.50
CA ASN C 74 13.53 14.02 -3.33
C ASN C 74 14.90 14.57 -3.67
N SER C 75 15.03 15.90 -3.79
CA SER C 75 16.33 16.49 -4.08
C SER C 75 17.34 16.23 -2.95
N LYS C 76 16.86 16.11 -1.71
CA LYS C 76 17.71 15.85 -0.56
C LYS C 76 17.73 14.39 -0.16
N ASN C 77 16.97 13.52 -0.86
CA ASN C 77 16.95 12.08 -0.57
C ASN C 77 16.51 11.78 0.86
N THR C 78 15.47 12.48 1.31
CA THR C 78 15.07 12.45 2.70
C THR C 78 13.57 12.24 2.85
N LEU C 79 13.20 11.35 3.77
CA LEU C 79 11.81 11.10 4.13
C LEU C 79 11.52 11.74 5.47
N TYR C 80 10.34 12.35 5.60
CA TYR C 80 9.95 13.04 6.82
C TYR C 80 8.67 12.46 7.37
N LEU C 81 8.46 12.68 8.67
CA LEU C 81 7.21 12.29 9.32
C LEU C 81 6.95 13.29 10.43
N GLN C 82 5.99 14.19 10.20
CA GLN C 82 5.62 15.21 11.17
C GLN C 82 4.49 14.67 12.03
N MET C 83 4.79 14.46 13.31
CA MET C 83 3.82 13.94 14.27
C MET C 83 3.36 15.08 15.16
N ASN C 84 2.07 15.38 15.14
CA ASN C 84 1.46 16.38 16.00
C ASN C 84 0.46 15.67 16.90
N SER C 85 0.05 16.36 17.96
CA SER C 85 -0.93 15.83 18.92
C SER C 85 -0.54 14.45 19.42
N LEU C 86 0.72 14.32 19.86
CA LEU C 86 1.25 13.02 20.27
C LEU C 86 0.53 12.51 21.51
N ARG C 87 0.15 11.24 21.49
CA ARG C 87 -0.50 10.57 22.60
C ARG C 87 0.43 9.47 23.12
N ALA C 88 0.21 9.07 24.38
CA ALA C 88 1.09 8.10 25.02
C ALA C 88 1.27 6.85 24.15
N GLU C 89 0.17 6.33 23.59
CA GLU C 89 0.22 5.10 22.82
C GLU C 89 0.99 5.26 21.51
N ASP C 90 1.45 6.47 21.17
CA ASP C 90 2.34 6.66 20.03
C ASP C 90 3.80 6.32 20.36
N THR C 91 4.10 6.04 21.63
CA THR C 91 5.43 5.60 22.04
C THR C 91 5.80 4.31 21.32
N ALA C 92 6.93 4.33 20.62
CA ALA C 92 7.33 3.18 19.82
C ALA C 92 8.70 3.46 19.21
N VAL C 93 9.29 2.41 18.67
CA VAL C 93 10.36 2.52 17.68
C VAL C 93 9.69 2.78 16.33
N TYR C 94 10.21 3.76 15.58
CA TYR C 94 9.66 4.11 14.27
C TYR C 94 10.67 3.75 13.19
N TYR C 95 10.27 2.82 12.31
CA TYR C 95 11.14 2.33 11.25
C TYR C 95 10.85 3.05 9.93
N CYS C 96 11.90 3.48 9.27
CA CYS C 96 11.86 3.92 7.89
C CYS C 96 11.89 2.71 6.97
N ALA C 97 11.07 2.73 5.91
CA ALA C 97 10.99 1.57 5.04
C ALA C 97 10.88 1.99 3.58
N ARG C 98 11.66 1.33 2.73
CA ARG C 98 11.51 1.44 1.28
C ARG C 98 10.48 0.42 0.82
N LEU C 99 9.46 0.91 0.12
CA LEU C 99 8.34 0.09 -0.31
C LEU C 99 8.62 -0.52 -1.68
N ALA C 100 8.37 -1.81 -1.82
CA ALA C 100 8.53 -2.50 -3.09
C ALA C 100 7.71 -3.78 -3.09
N ILE C 101 7.49 -4.32 -4.28
CA ILE C 101 6.69 -5.54 -4.39
C ILE C 101 7.50 -6.75 -3.93
N GLY C 102 8.77 -6.84 -4.31
CA GLY C 102 9.54 -8.05 -4.09
C GLY C 102 10.74 -7.93 -3.18
N ASP C 103 10.96 -6.75 -2.59
CA ASP C 103 12.02 -6.56 -1.62
C ASP C 103 11.56 -5.57 -0.57
N SER C 104 12.29 -5.53 0.53
CA SER C 104 11.93 -4.71 1.67
C SER C 104 13.19 -4.31 2.41
N TYR C 105 13.47 -3.01 2.43
CA TYR C 105 14.64 -2.47 3.11
C TYR C 105 14.18 -1.55 4.22
N TRP C 106 14.81 -1.67 5.40
CA TRP C 106 14.43 -0.92 6.57
C TRP C 106 15.64 -0.17 7.13
N GLY C 107 15.34 0.82 7.97
CA GLY C 107 16.33 1.47 8.79
C GLY C 107 16.58 0.68 10.06
N GLN C 108 17.31 1.32 10.98
CA GLN C 108 17.56 0.71 12.29
C GLN C 108 16.48 1.04 13.29
N GLY C 109 15.67 2.05 13.03
CA GLY C 109 14.63 2.49 13.94
C GLY C 109 15.08 3.69 14.75
N THR C 110 14.10 4.42 15.27
CA THR C 110 14.39 5.54 16.15
C THR C 110 13.34 5.57 17.24
N MET C 111 13.77 5.85 18.47
CA MET C 111 12.91 5.71 19.62
C MET C 111 12.14 7.00 19.87
N VAL C 112 10.82 6.89 19.95
CA VAL C 112 9.94 7.99 20.31
C VAL C 112 9.23 7.61 21.58
N THR C 113 9.34 8.47 22.59
CA THR C 113 8.69 8.27 23.88
C THR C 113 7.79 9.46 24.14
N VAL C 114 6.53 9.19 24.46
CA VAL C 114 5.55 10.22 24.75
C VAL C 114 5.19 10.10 26.22
N SER C 115 5.59 11.08 27.02
CA SER C 115 5.44 10.97 28.46
C SER C 115 5.47 12.36 29.08
N SER C 116 4.65 12.56 30.11
CA SER C 116 4.68 13.79 30.90
C SER C 116 5.92 13.88 31.78
N ALA C 117 6.67 12.79 31.91
CA ALA C 117 7.81 12.75 32.81
C ALA C 117 9.01 13.46 32.21
N SER C 118 9.78 14.14 33.06
CA SER C 118 10.97 14.86 32.63
C SER C 118 12.11 13.90 32.36
N THR C 119 13.05 14.34 31.54
CA THR C 119 14.21 13.54 31.21
C THR C 119 15.24 13.61 32.33
N LYS C 120 15.98 12.51 32.51
CA LYS C 120 17.02 12.46 33.53
C LYS C 120 18.23 11.70 33.00
N GLY C 121 19.40 12.31 33.13
CA GLY C 121 20.63 11.68 32.72
C GLY C 121 21.19 10.80 33.82
N PRO C 122 21.92 9.76 33.43
CA PRO C 122 22.36 8.76 34.41
C PRO C 122 23.61 9.18 35.17
N SER C 123 23.76 8.59 36.36
CA SER C 123 25.04 8.56 37.05
C SER C 123 25.81 7.35 36.55
N VAL C 124 27.13 7.52 36.37
CA VAL C 124 27.99 6.44 35.89
C VAL C 124 29.00 6.11 36.98
N PHE C 125 29.10 4.81 37.31
CA PHE C 125 30.01 4.33 38.33
C PHE C 125 30.83 3.18 37.79
N PRO C 126 32.13 3.11 38.12
CA PRO C 126 32.96 2.00 37.66
C PRO C 126 32.70 0.73 38.45
N LEU C 127 32.71 -0.38 37.74
CA LEU C 127 32.61 -1.71 38.35
C LEU C 127 34.00 -2.32 38.29
N ALA C 128 34.74 -2.20 39.39
CA ALA C 128 36.15 -2.57 39.38
C ALA C 128 36.32 -4.08 39.38
N PRO C 129 37.33 -4.59 38.68
CA PRO C 129 37.58 -6.03 38.67
C PRO C 129 38.13 -6.52 40.00
N SER C 130 37.68 -7.69 40.43
CA SER C 130 38.21 -8.31 41.64
C SER C 130 39.37 -9.26 41.37
N SER C 131 39.45 -9.81 40.16
CA SER C 131 40.59 -10.64 39.77
C SER C 131 41.84 -9.77 39.57
N LYS C 132 42.99 -10.42 39.47
CA LYS C 132 44.25 -9.70 39.44
C LYS C 132 45.29 -10.37 38.53
N GLY C 137 43.88 -16.36 34.29
CA GLY C 137 42.43 -16.34 34.25
C GLY C 137 41.85 -15.10 33.58
N THR C 138 40.54 -14.92 33.66
CA THR C 138 39.88 -13.74 33.11
C THR C 138 39.36 -12.85 34.23
N ALA C 139 39.19 -11.57 33.90
CA ALA C 139 38.64 -10.57 34.80
C ALA C 139 37.42 -9.93 34.18
N ALA C 140 36.47 -9.56 35.03
CA ALA C 140 35.24 -8.90 34.62
C ALA C 140 35.20 -7.51 35.26
N LEU C 141 35.22 -6.49 34.43
CA LEU C 141 35.07 -5.11 34.88
C LEU C 141 33.97 -4.47 34.05
N GLY C 142 33.39 -3.40 34.57
CA GLY C 142 32.26 -2.84 33.86
C GLY C 142 31.91 -1.45 34.33
N CYS C 143 30.73 -1.02 33.90
CA CYS C 143 30.18 0.30 34.22
C CYS C 143 28.72 0.16 34.59
N LEU C 144 28.35 0.77 35.71
CA LEU C 144 26.96 0.87 36.13
C LEU C 144 26.41 2.21 35.65
N VAL C 145 25.27 2.18 34.98
CA VAL C 145 24.61 3.37 34.45
C VAL C 145 23.26 3.46 35.15
N LYS C 146 23.14 4.37 36.12
CA LYS C 146 22.07 4.30 37.11
C LYS C 146 21.11 5.47 36.98
N ASP C 147 19.81 5.16 36.94
CA ASP C 147 18.71 6.11 37.12
C ASP C 147 18.66 7.16 36.01
N TYR C 148 18.32 6.69 34.81
CA TYR C 148 18.14 7.58 33.67
C TYR C 148 16.77 7.36 33.05
N PHE C 149 16.33 8.36 32.27
CA PHE C 149 15.06 8.28 31.55
C PHE C 149 15.06 9.28 30.40
N PRO C 150 14.59 8.90 29.21
CA PRO C 150 14.09 7.56 28.89
C PRO C 150 15.16 6.69 28.24
N GLU C 151 14.79 5.49 27.81
CA GLU C 151 15.64 4.71 26.92
C GLU C 151 15.85 5.48 25.60
N PRO C 152 16.96 5.23 24.90
CA PRO C 152 18.01 4.26 25.20
C PRO C 152 19.31 4.88 25.70
N VAL C 153 20.25 4.03 26.08
CA VAL C 153 21.58 4.45 26.47
C VAL C 153 22.58 3.66 25.65
N THR C 154 23.56 4.33 25.07
CA THR C 154 24.59 3.69 24.29
C THR C 154 25.90 3.71 25.09
N VAL C 155 26.61 2.58 25.06
CA VAL C 155 27.85 2.41 25.81
C VAL C 155 28.88 1.78 24.89
N SER C 156 30.01 2.44 24.72
CA SER C 156 31.17 1.83 24.07
C SER C 156 32.34 1.80 25.05
N TRP C 157 33.37 1.04 24.68
CA TRP C 157 34.56 0.92 25.49
C TRP C 157 35.76 1.40 24.68
N ASN C 158 36.61 2.20 25.33
CA ASN C 158 37.77 2.81 24.69
C ASN C 158 37.40 3.45 23.37
N SER C 159 36.28 4.18 23.36
CA SER C 159 35.78 4.89 22.19
C SER C 159 35.58 3.95 21.01
N GLY C 160 35.07 2.75 21.29
CA GLY C 160 34.78 1.78 20.26
C GLY C 160 35.95 0.90 19.88
N ALA C 161 37.16 1.20 20.37
CA ALA C 161 38.31 0.34 20.09
C ALA C 161 38.19 -1.02 20.76
N LEU C 162 37.45 -1.09 21.87
CA LEU C 162 37.24 -2.34 22.57
C LEU C 162 35.84 -2.83 22.23
N THR C 163 35.76 -3.99 21.59
CA THR C 163 34.48 -4.58 21.23
C THR C 163 34.39 -6.06 21.56
N SER C 164 35.50 -6.79 21.63
CA SER C 164 35.46 -8.22 21.86
C SER C 164 35.24 -8.49 23.34
N GLY C 165 34.29 -9.38 23.64
CA GLY C 165 33.99 -9.73 25.02
C GLY C 165 33.26 -8.67 25.80
N VAL C 166 32.67 -7.70 25.12
CA VAL C 166 31.85 -6.67 25.73
C VAL C 166 30.41 -7.15 25.73
N HIS C 167 29.70 -6.92 26.83
CA HIS C 167 28.30 -7.31 26.94
C HIS C 167 27.56 -6.19 27.67
N THR C 168 26.73 -5.46 26.94
CA THR C 168 25.86 -4.45 27.53
C THR C 168 24.51 -5.11 27.80
N PHE C 169 24.09 -5.08 29.05
CA PHE C 169 22.89 -5.78 29.46
C PHE C 169 21.65 -4.91 29.27
N PRO C 170 20.55 -5.54 28.87
CA PRO C 170 19.25 -4.86 28.85
C PRO C 170 18.98 -4.15 30.16
N ALA C 171 18.43 -2.94 30.05
CA ALA C 171 18.20 -2.12 31.23
C ALA C 171 17.07 -2.68 32.07
N VAL C 172 17.10 -2.37 33.37
CA VAL C 172 15.99 -2.64 34.26
C VAL C 172 15.16 -1.37 34.38
N LEU C 173 13.83 -1.52 34.32
CA LEU C 173 12.92 -0.43 34.60
C LEU C 173 12.50 -0.53 36.06
N GLN C 174 13.02 0.38 36.88
CA GLN C 174 12.78 0.31 38.31
C GLN C 174 11.43 0.93 38.68
N SER C 175 11.04 0.74 39.95
CA SER C 175 9.76 1.26 40.42
C SER C 175 9.71 2.78 40.39
N SER C 176 10.87 3.42 40.47
CA SER C 176 10.94 4.88 40.40
C SER C 176 10.61 5.45 39.02
N GLY C 177 10.38 4.61 38.01
CA GLY C 177 10.24 5.08 36.66
C GLY C 177 11.55 5.28 35.92
N LEU C 178 12.68 5.22 36.61
CA LEU C 178 13.99 5.39 35.99
C LEU C 178 14.60 4.04 35.64
N TYR C 179 15.47 4.05 34.63
CA TYR C 179 16.14 2.85 34.13
C TYR C 179 17.55 2.76 34.68
N SER C 180 18.10 1.56 34.63
CA SER C 180 19.51 1.32 34.94
C SER C 180 19.99 0.15 34.10
N LEU C 181 21.24 0.24 33.65
CA LEU C 181 21.86 -0.88 32.94
C LEU C 181 23.33 -0.99 33.35
N SER C 182 23.92 -2.12 33.02
CA SER C 182 25.35 -2.35 33.21
C SER C 182 25.98 -2.85 31.92
N SER C 183 27.25 -2.51 31.72
CA SER C 183 28.04 -3.01 30.60
C SER C 183 29.31 -3.61 31.16
N VAL C 184 29.54 -4.90 30.91
CA VAL C 184 30.69 -5.61 31.43
C VAL C 184 31.54 -6.08 30.26
N VAL C 185 32.86 -5.92 30.39
CA VAL C 185 33.80 -6.46 29.43
C VAL C 185 34.70 -7.46 30.14
N THR C 186 34.88 -8.62 29.51
CA THR C 186 35.71 -9.68 30.08
C THR C 186 37.08 -9.62 29.40
N VAL C 187 38.11 -9.43 30.21
CA VAL C 187 39.45 -9.15 29.69
C VAL C 187 40.43 -10.15 30.30
N PRO C 188 41.56 -10.37 29.63
CA PRO C 188 42.63 -11.15 30.25
C PRO C 188 43.06 -10.51 31.56
N SER C 189 43.28 -11.34 32.58
CA SER C 189 43.71 -10.85 33.88
C SER C 189 45.02 -10.07 33.76
N SER C 190 45.97 -10.61 33.01
CA SER C 190 47.32 -10.03 32.93
C SER C 190 47.32 -8.59 32.41
N SER C 191 46.27 -8.18 31.70
CA SER C 191 46.21 -6.86 31.09
C SER C 191 45.93 -5.75 32.10
N LEU C 192 45.44 -6.10 33.29
CA LEU C 192 45.09 -5.10 34.29
C LEU C 192 46.33 -4.35 34.75
N GLY C 193 46.19 -3.03 34.88
CA GLY C 193 47.29 -2.14 35.18
C GLY C 193 48.06 -1.66 33.97
N THR C 194 48.13 -2.48 32.92
CA THR C 194 48.76 -2.08 31.66
C THR C 194 47.74 -1.50 30.69
N GLN C 195 46.64 -2.21 30.45
CA GLN C 195 45.61 -1.76 29.53
C GLN C 195 44.62 -0.84 30.23
N THR C 196 44.36 0.31 29.63
CA THR C 196 43.38 1.26 30.15
C THR C 196 41.98 0.89 29.65
N TYR C 197 41.00 0.96 30.55
CA TYR C 197 39.61 0.63 30.21
C TYR C 197 38.71 1.81 30.56
N ILE C 198 38.09 2.40 29.54
CA ILE C 198 37.22 3.55 29.68
C ILE C 198 35.89 3.20 29.03
N CYS C 199 34.80 3.40 29.76
CA CYS C 199 33.48 3.19 29.17
C CYS C 199 32.90 4.53 28.76
N ASN C 200 32.32 4.58 27.57
CA ASN C 200 31.78 5.82 27.02
C ASN C 200 30.27 5.71 27.07
N VAL C 201 29.66 6.51 27.94
CA VAL C 201 28.22 6.49 28.15
C VAL C 201 27.65 7.74 27.50
N ASN C 202 26.72 7.54 26.58
CA ASN C 202 26.03 8.64 25.93
C ASN C 202 24.53 8.41 26.06
N HIS C 203 23.83 9.41 26.58
CA HIS C 203 22.38 9.38 26.75
C HIS C 203 21.86 10.62 26.04
N LYS C 204 21.49 10.46 24.77
CA LYS C 204 21.06 11.58 23.94
C LYS C 204 19.95 12.43 24.56
N PRO C 205 18.81 11.86 25.01
CA PRO C 205 17.67 12.71 25.40
C PRO C 205 18.00 13.79 26.41
N SER C 206 19.00 13.58 27.26
CA SER C 206 19.40 14.57 28.24
C SER C 206 20.77 15.17 27.93
N ASN C 207 21.29 14.91 26.73
CA ASN C 207 22.61 15.40 26.31
C ASN C 207 23.66 15.12 27.39
N THR C 208 23.61 13.90 27.91
CA THR C 208 24.57 13.45 28.91
C THR C 208 25.59 12.55 28.23
N LYS C 209 26.86 12.95 28.28
CA LYS C 209 27.96 12.13 27.81
C LYS C 209 28.98 12.03 28.93
N VAL C 210 29.37 10.79 29.26
CA VAL C 210 30.29 10.53 30.36
C VAL C 210 31.29 9.47 29.92
N ASP C 211 32.56 9.70 30.21
CA ASP C 211 33.62 8.70 30.08
C ASP C 211 34.08 8.33 31.48
N LYS C 212 33.89 7.07 31.87
CA LYS C 212 34.34 6.59 33.17
C LYS C 212 35.51 5.64 32.95
N LYS C 213 36.66 6.00 33.52
CA LYS C 213 37.79 5.09 33.56
C LYS C 213 37.61 4.12 34.73
N VAL C 214 37.89 2.84 34.50
CA VAL C 214 37.68 1.79 35.49
C VAL C 214 39.04 1.33 36.01
N GLU C 215 39.35 1.70 37.24
CA GLU C 215 40.65 1.37 37.82
C GLU C 215 40.58 0.07 38.60
N PRO C 216 41.69 -0.69 38.63
CA PRO C 216 41.77 -1.84 39.53
C PRO C 216 42.11 -1.40 40.95
N LYS C 217 41.28 -1.82 41.91
CA LYS C 217 41.57 -1.58 43.32
C LYS C 217 42.29 -2.79 43.90
N SER C 218 43.36 -2.55 44.68
CA SER C 218 44.25 -3.62 45.15
C SER C 218 44.71 -3.33 46.59
N CYS C 219 43.77 -3.45 47.53
CA CYS C 219 44.08 -3.32 48.95
C CYS C 219 44.28 -4.71 49.52
N ASP C 220 45.52 -5.19 49.51
CA ASP C 220 45.84 -6.55 49.95
C ASP C 220 45.59 -6.74 51.44
N ALA D 3 -7.63 -6.74 8.30
CA ALA D 3 -7.61 -7.08 9.73
C ALA D 3 -7.02 -8.48 9.98
N LEU D 4 -5.71 -8.56 10.16
CA LEU D 4 -4.96 -9.80 10.10
C LEU D 4 -4.72 -10.38 11.49
N THR D 5 -4.96 -11.69 11.65
CA THR D 5 -4.92 -12.37 12.93
C THR D 5 -4.02 -13.59 12.86
N GLN D 6 -3.14 -13.75 13.86
CA GLN D 6 -2.19 -14.85 13.94
C GLN D 6 -2.25 -15.53 15.30
N PRO D 7 -1.95 -16.82 15.35
CA PRO D 7 -1.74 -17.47 16.66
C PRO D 7 -0.54 -16.85 17.37
N ALA D 8 -0.66 -16.74 18.69
CA ALA D 8 0.38 -16.07 19.48
C ALA D 8 1.69 -16.83 19.44
N SER D 9 1.64 -18.16 19.47
CA SER D 9 2.86 -18.95 19.41
C SER D 9 2.62 -20.25 18.66
N VAL D 10 3.69 -20.76 18.05
CA VAL D 10 3.74 -22.11 17.48
C VAL D 10 5.09 -22.70 17.86
N SER D 11 5.15 -24.02 17.96
CA SER D 11 6.39 -24.68 18.35
C SER D 11 6.58 -25.95 17.55
N GLY D 12 7.83 -26.39 17.46
CA GLY D 12 8.19 -27.56 16.68
C GLY D 12 9.54 -28.11 17.12
N SER D 13 9.83 -29.34 16.62
CA SER D 13 11.09 -30.01 16.92
C SER D 13 12.04 -29.92 15.73
N PRO D 14 13.35 -29.98 15.99
CA PRO D 14 14.33 -29.79 14.91
C PRO D 14 14.07 -30.73 13.74
N GLY D 15 14.06 -30.16 12.54
CA GLY D 15 13.91 -30.92 11.32
C GLY D 15 12.50 -31.19 10.89
N GLN D 16 11.50 -30.81 11.69
CA GLN D 16 10.10 -30.98 11.33
C GLN D 16 9.60 -29.74 10.58
N SER D 17 8.32 -29.74 10.21
CA SER D 17 7.68 -28.59 9.59
C SER D 17 6.60 -28.03 10.50
N ILE D 18 6.55 -26.71 10.61
CA ILE D 18 5.47 -26.02 11.30
C ILE D 18 4.80 -25.06 10.33
N THR D 19 3.60 -24.64 10.69
CA THR D 19 2.80 -23.73 9.87
C THR D 19 2.20 -22.63 10.74
N ILE D 20 2.27 -21.40 10.25
CA ILE D 20 1.68 -20.25 10.92
C ILE D 20 0.57 -19.69 10.03
N SER D 21 -0.62 -19.54 10.59
CA SER D 21 -1.78 -19.13 9.81
C SER D 21 -2.04 -17.64 10.00
N CYS D 22 -2.60 -17.05 8.95
CA CYS D 22 -2.98 -15.65 8.92
C CYS D 22 -4.43 -15.63 8.46
N THR D 23 -5.29 -14.95 9.21
CA THR D 23 -6.71 -14.89 8.88
C THR D 23 -7.12 -13.44 8.70
N GLY D 24 -7.84 -13.16 7.61
CA GLY D 24 -8.30 -11.81 7.33
C GLY D 24 -7.75 -11.26 6.02
N THR D 25 -7.29 -12.16 5.16
CA THR D 25 -6.57 -11.78 3.95
C THR D 25 -7.49 -11.73 2.72
N GLY D 26 -8.79 -11.52 2.94
CA GLY D 26 -9.75 -11.49 1.84
C GLY D 26 -9.84 -10.12 1.21
N SER D 27 -10.00 -10.10 -0.10
CA SER D 27 -10.18 -8.87 -0.86
C SER D 27 -11.59 -8.81 -1.42
N ASP D 28 -12.15 -7.60 -1.46
CA ASP D 28 -13.43 -7.37 -2.12
C ASP D 28 -13.33 -7.66 -3.61
N VAL D 29 -14.49 -7.82 -4.25
CA VAL D 29 -14.53 -7.95 -5.69
C VAL D 29 -13.97 -6.68 -6.33
N GLY D 30 -13.19 -6.85 -7.39
CA GLY D 30 -12.56 -5.71 -8.03
C GLY D 30 -11.37 -5.14 -7.31
N SER D 31 -11.01 -5.70 -6.15
CA SER D 31 -9.82 -5.34 -5.39
C SER D 31 -8.91 -6.55 -5.25
N TYR D 32 -7.71 -6.33 -4.73
CA TYR D 32 -6.73 -7.38 -4.58
C TYR D 32 -5.87 -7.11 -3.37
N ASN D 33 -5.10 -8.13 -2.95
CA ASN D 33 -4.09 -7.95 -1.91
C ASN D 33 -2.94 -8.91 -2.14
N LEU D 34 -1.79 -8.55 -1.57
CA LEU D 34 -0.56 -9.34 -1.66
C LEU D 34 -0.03 -9.59 -0.26
N VAL D 35 0.11 -10.85 0.12
CA VAL D 35 0.53 -11.22 1.46
C VAL D 35 2.05 -11.31 1.52
N SER D 36 2.63 -10.63 2.51
CA SER D 36 4.05 -10.77 2.82
C SER D 36 4.24 -11.35 4.22
N TRP D 37 5.32 -12.08 4.40
CA TRP D 37 5.70 -12.64 5.70
C TRP D 37 7.06 -12.09 6.12
N TYR D 38 7.12 -11.56 7.34
CA TYR D 38 8.31 -10.96 7.90
C TYR D 38 8.81 -11.78 9.10
N GLN D 39 10.13 -11.93 9.20
CA GLN D 39 10.81 -12.54 10.34
C GLN D 39 11.57 -11.47 11.11
N GLN D 40 11.37 -11.42 12.41
CA GLN D 40 12.07 -10.45 13.26
C GLN D 40 12.79 -11.16 14.40
N HIS D 41 14.10 -11.08 14.41
CA HIS D 41 14.96 -11.56 15.48
C HIS D 41 15.13 -10.47 16.53
N PRO D 42 15.51 -10.84 17.75
CA PRO D 42 15.52 -9.87 18.86
C PRO D 42 16.37 -8.64 18.57
N GLY D 43 15.80 -7.47 18.87
CA GLY D 43 16.49 -6.20 18.71
C GLY D 43 16.86 -5.88 17.28
N LYS D 44 16.03 -6.24 16.32
CA LYS D 44 16.40 -6.12 14.92
C LYS D 44 15.19 -5.74 14.08
N ALA D 45 15.46 -5.10 12.95
CA ALA D 45 14.43 -4.77 12.00
C ALA D 45 13.88 -6.05 11.36
N PRO D 46 12.62 -6.05 10.93
CA PRO D 46 12.05 -7.24 10.30
C PRO D 46 12.76 -7.56 8.99
N LYS D 47 12.73 -8.85 8.64
CA LYS D 47 13.30 -9.35 7.39
C LYS D 47 12.19 -9.99 6.57
N LEU D 48 12.09 -9.57 5.31
CA LEU D 48 11.08 -10.10 4.39
C LEU D 48 11.43 -11.53 4.01
N MET D 49 10.53 -12.47 4.30
CA MET D 49 10.77 -13.87 3.98
C MET D 49 9.94 -14.35 2.81
N ILE D 50 8.68 -13.94 2.73
CA ILE D 50 7.79 -14.31 1.63
C ILE D 50 7.04 -13.07 1.17
N TYR D 51 6.97 -12.88 -0.14
CA TYR D 51 6.13 -11.84 -0.75
C TYR D 51 5.24 -12.47 -1.82
N GLY D 52 4.32 -11.67 -2.32
CA GLY D 52 3.42 -12.14 -3.37
C GLY D 52 2.75 -13.45 -3.03
N ASP D 53 2.35 -13.61 -1.77
CA ASP D 53 1.73 -14.83 -1.24
C ASP D 53 2.71 -15.99 -1.10
N SER D 54 3.59 -16.21 -2.09
CA SER D 54 4.35 -17.46 -2.10
C SER D 54 5.74 -17.33 -2.72
N GLU D 55 6.29 -16.13 -2.83
CA GLU D 55 7.57 -15.94 -3.49
C GLU D 55 8.63 -15.57 -2.47
N ARG D 56 9.84 -16.09 -2.68
CA ARG D 56 10.98 -15.94 -1.82
C ARG D 56 11.93 -14.90 -2.39
N PRO D 57 12.34 -13.88 -1.63
CA PRO D 57 13.38 -12.98 -2.11
C PRO D 57 14.70 -13.72 -2.32
N SER D 58 15.63 -13.05 -2.96
CA SER D 58 16.96 -13.63 -3.16
C SER D 58 17.63 -13.86 -1.82
N GLY D 59 18.21 -15.04 -1.64
CA GLY D 59 18.93 -15.33 -0.41
C GLY D 59 18.05 -15.56 0.79
N VAL D 60 16.87 -16.12 0.60
CA VAL D 60 16.03 -16.59 1.69
C VAL D 60 15.98 -18.11 1.61
N SER D 61 16.07 -18.76 2.76
CA SER D 61 16.21 -20.21 2.79
C SER D 61 15.06 -20.91 2.07
N ASN D 62 15.40 -22.00 1.37
CA ASN D 62 14.41 -22.87 0.73
C ASN D 62 13.32 -23.32 1.69
N ARG D 63 13.64 -23.39 2.98
CA ARG D 63 12.76 -24.01 3.95
C ARG D 63 11.51 -23.19 4.22
N PHE D 64 11.46 -21.93 3.76
CA PHE D 64 10.31 -21.07 3.94
C PHE D 64 9.44 -21.09 2.68
N SER D 65 8.14 -21.30 2.86
CA SER D 65 7.20 -21.23 1.75
C SER D 65 5.90 -20.61 2.23
N GLY D 66 5.14 -20.06 1.27
CA GLY D 66 3.92 -19.35 1.59
C GLY D 66 2.79 -19.75 0.65
N SER D 67 1.57 -19.40 1.07
CA SER D 67 0.39 -19.69 0.27
C SER D 67 -0.77 -18.85 0.77
N LYS D 68 -1.65 -18.46 -0.15
CA LYS D 68 -2.87 -17.73 0.17
C LYS D 68 -4.07 -18.48 -0.39
N SER D 69 -5.19 -18.38 0.33
CA SER D 69 -6.41 -19.06 -0.09
C SER D 69 -7.58 -18.36 0.60
N GLY D 70 -8.22 -17.45 -0.12
CA GLY D 70 -9.36 -16.74 0.45
C GLY D 70 -8.93 -15.89 1.62
N ASN D 71 -9.59 -16.08 2.75
CA ASN D 71 -9.32 -15.26 3.93
C ASN D 71 -8.12 -15.76 4.74
N THR D 72 -7.39 -16.76 4.26
CA THR D 72 -6.30 -17.35 5.02
C THR D 72 -5.03 -17.44 4.19
N ALA D 73 -3.93 -16.94 4.74
CA ALA D 73 -2.60 -17.23 4.21
C ALA D 73 -1.81 -17.98 5.27
N SER D 74 -0.83 -18.75 4.82
CA SER D 74 -0.05 -19.57 5.74
C SER D 74 1.41 -19.60 5.33
N LEU D 75 2.28 -19.53 6.35
CA LEU D 75 3.72 -19.67 6.19
C LEU D 75 4.14 -21.01 6.75
N THR D 76 4.93 -21.75 5.98
CA THR D 76 5.40 -23.06 6.39
C THR D 76 6.92 -23.05 6.45
N ILE D 77 7.47 -23.39 7.62
CA ILE D 77 8.91 -23.54 7.82
C ILE D 77 9.20 -25.03 7.93
N SER D 78 9.90 -25.57 6.94
CA SER D 78 10.31 -26.97 6.94
C SER D 78 11.76 -27.09 7.39
N GLY D 79 12.17 -28.33 7.67
CA GLY D 79 13.51 -28.60 8.18
C GLY D 79 13.90 -27.69 9.33
N LEU D 80 12.99 -27.51 10.28
CA LEU D 80 13.13 -26.52 11.33
C LEU D 80 14.51 -26.54 11.97
N GLN D 81 15.19 -25.40 11.92
CA GLN D 81 16.46 -25.18 12.58
C GLN D 81 16.26 -24.26 13.78
N ALA D 82 17.25 -24.26 14.67
CA ALA D 82 17.14 -23.46 15.89
C ALA D 82 17.13 -21.97 15.56
N GLU D 83 17.94 -21.55 14.59
CA GLU D 83 17.98 -20.12 14.30
C GLU D 83 16.68 -19.62 13.68
N ASP D 84 15.71 -20.49 13.39
CA ASP D 84 14.37 -20.06 12.98
C ASP D 84 13.56 -19.48 14.14
N GLU D 85 14.08 -19.49 15.36
CA GLU D 85 13.37 -18.94 16.51
C GLU D 85 13.28 -17.42 16.39
N ALA D 86 12.07 -16.90 16.23
CA ALA D 86 11.88 -15.45 16.05
C ALA D 86 10.38 -15.15 16.11
N ASP D 87 10.07 -13.87 15.89
CA ASP D 87 8.71 -13.39 15.71
C ASP D 87 8.40 -13.31 14.21
N TYR D 88 7.25 -13.86 13.82
CA TYR D 88 6.82 -13.86 12.42
C TYR D 88 5.50 -13.11 12.28
N TYR D 89 5.48 -12.17 11.34
CA TYR D 89 4.30 -11.34 11.07
C TYR D 89 3.86 -11.54 9.63
N CYS D 90 2.57 -11.82 9.43
CA CYS D 90 2.02 -11.72 8.08
C CYS D 90 1.68 -10.27 7.77
N SER D 91 1.72 -9.94 6.49
CA SER D 91 1.53 -8.58 6.03
C SER D 91 0.67 -8.62 4.77
N SER D 92 -0.23 -7.66 4.65
CA SER D 92 -1.12 -7.57 3.50
C SER D 92 -0.96 -6.20 2.85
N TYR D 93 -0.59 -6.19 1.58
CA TYR D 93 -0.57 -4.96 0.78
C TYR D 93 -1.79 -4.97 -0.14
N ALA D 94 -2.66 -3.99 0.02
CA ALA D 94 -3.89 -3.88 -0.76
C ALA D 94 -3.74 -3.00 -1.99
N GLY D 95 -2.54 -2.47 -2.25
CA GLY D 95 -2.33 -1.54 -3.33
C GLY D 95 -2.49 -0.10 -2.86
N SER D 96 -2.04 0.82 -3.72
CA SER D 96 -2.15 2.25 -3.46
C SER D 96 -1.49 2.63 -2.12
N GLY D 97 -0.50 1.84 -1.71
CA GLY D 97 0.33 2.20 -0.58
C GLY D 97 -0.21 1.85 0.79
N ILE D 98 -1.22 0.97 0.87
CA ILE D 98 -1.88 0.66 2.13
C ILE D 98 -1.46 -0.75 2.56
N TYR D 99 -0.87 -0.85 3.76
CA TYR D 99 -0.44 -2.12 4.34
C TYR D 99 -1.17 -2.36 5.66
N VAL D 100 -1.31 -3.63 6.03
CA VAL D 100 -1.78 -4.02 7.35
C VAL D 100 -0.95 -5.20 7.84
N PHE D 101 -0.50 -5.14 9.10
CA PHE D 101 0.35 -6.17 9.67
C PHE D 101 -0.43 -7.07 10.62
N GLY D 102 -0.09 -8.35 10.60
CA GLY D 102 -0.72 -9.32 11.47
C GLY D 102 -0.30 -9.17 12.92
N THR D 103 -0.96 -9.97 13.76
CA THR D 103 -0.75 -9.91 15.21
C THR D 103 0.68 -10.30 15.60
N GLY D 104 1.25 -11.27 14.91
CA GLY D 104 2.58 -11.76 15.26
C GLY D 104 2.50 -13.12 15.94
N THR D 105 3.46 -13.98 15.60
CA THR D 105 3.57 -15.33 16.15
C THR D 105 5.01 -15.58 16.54
N LYS D 106 5.25 -15.85 17.83
CA LYS D 106 6.57 -16.26 18.28
C LYS D 106 6.74 -17.76 18.02
N VAL D 107 7.86 -18.12 17.39
CA VAL D 107 8.19 -19.52 17.14
C VAL D 107 9.24 -19.95 18.15
N THR D 108 9.03 -21.11 18.77
CA THR D 108 10.04 -21.73 19.63
C THR D 108 10.42 -23.10 19.04
N VAL D 109 11.70 -23.43 19.10
CA VAL D 109 12.20 -24.70 18.60
C VAL D 109 12.48 -25.59 19.80
N LEU D 110 11.76 -26.71 19.90
CA LEU D 110 11.87 -27.60 21.04
C LEU D 110 13.24 -28.28 21.07
N GLY D 111 13.58 -28.83 22.24
CA GLY D 111 14.71 -29.73 22.36
C GLY D 111 16.06 -29.05 22.35
N GLN D 112 16.10 -27.74 22.54
CA GLN D 112 17.37 -27.06 22.65
C GLN D 112 18.06 -27.43 23.98
N PRO D 113 19.38 -27.53 23.99
CA PRO D 113 20.09 -27.95 25.21
C PRO D 113 19.94 -26.94 26.33
N LYS D 114 19.79 -27.47 27.55
CA LYS D 114 19.75 -26.64 28.74
C LYS D 114 21.13 -26.05 28.99
N ALA D 115 21.18 -24.72 29.18
CA ALA D 115 22.42 -24.02 29.46
C ALA D 115 22.28 -23.26 30.77
N ALA D 116 23.06 -23.66 31.77
CA ALA D 116 23.04 -23.01 33.07
C ALA D 116 23.58 -21.58 32.97
N PRO D 117 23.11 -20.69 33.83
CA PRO D 117 23.55 -19.30 33.78
C PRO D 117 24.90 -19.08 34.46
N SER D 118 25.67 -18.16 33.88
CA SER D 118 26.86 -17.61 34.50
C SER D 118 26.49 -16.35 35.26
N VAL D 119 26.94 -16.26 36.51
CA VAL D 119 26.59 -15.15 37.38
C VAL D 119 27.84 -14.33 37.68
N THR D 120 27.68 -13.01 37.68
CA THR D 120 28.73 -12.09 38.11
C THR D 120 28.13 -11.08 39.07
N LEU D 121 28.72 -10.94 40.25
CA LEU D 121 28.23 -10.02 41.26
C LEU D 121 29.24 -8.88 41.47
N PHE D 122 28.76 -7.65 41.45
CA PHE D 122 29.59 -6.48 41.68
C PHE D 122 29.16 -5.74 42.94
N PRO D 123 30.09 -5.41 43.84
CA PRO D 123 29.74 -4.63 45.04
C PRO D 123 29.47 -3.18 44.70
N PRO D 124 28.95 -2.39 45.63
CA PRO D 124 28.87 -0.94 45.39
C PRO D 124 30.28 -0.37 45.27
N SER D 125 30.45 0.55 44.33
CA SER D 125 31.76 1.12 44.10
C SER D 125 32.11 2.12 45.19
N SER D 126 33.40 2.46 45.25
CA SER D 126 33.85 3.53 46.14
C SER D 126 33.18 4.84 45.79
N GLU D 127 33.05 5.13 44.49
CA GLU D 127 32.49 6.41 44.09
C GLU D 127 31.02 6.52 44.46
N GLU D 128 30.27 5.42 44.33
CA GLU D 128 28.86 5.46 44.73
C GLU D 128 28.70 5.57 46.24
N LEU D 129 29.47 4.78 47.00
CA LEU D 129 29.44 4.92 48.46
C LEU D 129 29.80 6.33 48.88
N GLN D 130 30.72 6.97 48.17
CA GLN D 130 31.02 8.38 48.40
C GLN D 130 29.78 9.26 48.20
N ALA D 131 28.89 8.88 47.28
CA ALA D 131 27.65 9.62 47.07
C ALA D 131 26.54 9.17 48.02
N ASN D 132 26.88 8.51 49.12
CA ASN D 132 25.92 8.07 50.15
C ASN D 132 24.84 7.17 49.54
N LYS D 133 25.23 6.33 48.59
CA LYS D 133 24.34 5.35 47.98
C LYS D 133 25.13 4.08 47.69
N ALA D 134 24.41 2.99 47.47
CA ALA D 134 25.04 1.70 47.24
C ALA D 134 24.11 0.86 46.39
N THR D 135 24.68 0.17 45.40
CA THR D 135 23.92 -0.65 44.47
C THR D 135 24.68 -1.93 44.22
N LEU D 136 24.03 -3.07 44.47
CA LEU D 136 24.61 -4.37 44.16
C LEU D 136 24.11 -4.82 42.80
N VAL D 137 25.02 -5.29 41.97
CA VAL D 137 24.75 -5.56 40.56
C VAL D 137 25.03 -7.02 40.29
N CYS D 138 23.97 -7.77 39.98
CA CYS D 138 24.07 -9.19 39.66
C CYS D 138 23.69 -9.41 38.20
N LEU D 139 24.64 -9.90 37.41
CA LEU D 139 24.48 -10.09 35.98
C LEU D 139 24.43 -11.58 35.65
N ILE D 140 23.47 -11.95 34.81
CA ILE D 140 23.14 -13.34 34.54
C ILE D 140 23.18 -13.54 33.03
N SER D 141 24.00 -14.49 32.57
CA SER D 141 24.38 -14.56 31.16
C SER D 141 24.15 -15.96 30.59
N ASP D 142 23.66 -15.99 29.35
CA ASP D 142 23.78 -17.14 28.45
C ASP D 142 23.09 -18.39 28.98
N PHE D 143 21.88 -18.22 29.52
CA PHE D 143 21.13 -19.36 30.00
C PHE D 143 19.95 -19.65 29.10
N TYR D 144 19.52 -20.92 29.12
CA TYR D 144 18.36 -21.40 28.38
C TYR D 144 17.84 -22.61 29.17
N PRO D 145 16.53 -22.70 29.42
CA PRO D 145 15.45 -21.80 28.97
C PRO D 145 15.44 -20.47 29.71
N GLY D 146 14.75 -19.47 29.15
CA GLY D 146 14.68 -18.16 29.76
C GLY D 146 13.78 -18.04 30.98
N ALA D 147 14.13 -18.74 32.06
CA ALA D 147 13.33 -18.68 33.28
C ALA D 147 14.27 -18.82 34.47
N VAL D 148 14.43 -17.74 35.22
CA VAL D 148 15.27 -17.75 36.42
C VAL D 148 14.56 -17.00 37.53
N THR D 149 14.82 -17.43 38.77
CA THR D 149 14.45 -16.68 39.95
C THR D 149 15.72 -16.22 40.66
N VAL D 150 15.66 -15.03 41.24
CA VAL D 150 16.80 -14.45 41.94
C VAL D 150 16.40 -14.17 43.38
N ALA D 151 17.27 -14.52 44.32
CA ALA D 151 17.08 -14.23 45.72
C ALA D 151 18.35 -13.59 46.27
N TRP D 152 18.18 -12.52 47.03
CA TRP D 152 19.30 -11.81 47.64
C TRP D 152 19.37 -12.14 49.13
N LYS D 153 20.60 -12.18 49.64
CA LYS D 153 20.87 -12.51 51.04
C LYS D 153 21.77 -11.44 51.65
N ALA D 154 21.34 -10.89 52.78
CA ALA D 154 22.23 -10.16 53.68
C ALA D 154 22.75 -11.16 54.70
N ASP D 155 24.04 -11.49 54.61
CA ASP D 155 24.59 -12.67 55.26
C ASP D 155 23.79 -13.90 54.83
N SER D 156 22.86 -14.34 55.67
CA SER D 156 22.01 -15.47 55.35
C SER D 156 20.53 -15.10 55.35
N SER D 157 20.21 -13.85 55.60
CA SER D 157 18.83 -13.43 55.71
C SER D 157 18.30 -13.00 54.35
N PRO D 158 17.12 -13.48 53.95
CA PRO D 158 16.53 -13.06 52.67
C PRO D 158 16.18 -11.59 52.68
N VAL D 159 16.67 -10.86 51.67
CA VAL D 159 16.40 -9.44 51.51
C VAL D 159 15.54 -9.29 50.26
N LYS D 160 14.31 -8.80 50.43
CA LYS D 160 13.41 -8.56 49.32
C LYS D 160 13.21 -7.09 48.99
N ALA D 161 13.43 -6.18 49.95
CA ALA D 161 13.28 -4.76 49.68
C ALA D 161 14.49 -4.23 48.92
N GLY D 162 14.23 -3.37 47.94
CA GLY D 162 15.29 -2.80 47.13
C GLY D 162 15.71 -3.64 45.94
N VAL D 163 14.94 -4.67 45.58
CA VAL D 163 15.31 -5.61 44.52
C VAL D 163 14.58 -5.24 43.25
N GLU D 164 15.33 -5.06 42.16
CA GLU D 164 14.76 -4.80 40.84
C GLU D 164 15.38 -5.79 39.87
N THR D 165 14.59 -6.75 39.42
CA THR D 165 15.05 -7.82 38.54
C THR D 165 14.35 -7.72 37.19
N THR D 166 15.13 -7.76 36.11
CA THR D 166 14.55 -7.75 34.77
C THR D 166 13.97 -9.12 34.42
N THR D 167 13.09 -9.11 33.41
CA THR D 167 12.68 -10.35 32.79
C THR D 167 13.76 -10.79 31.80
N PRO D 168 13.91 -12.10 31.58
CA PRO D 168 14.98 -12.58 30.70
C PRO D 168 14.74 -12.09 29.28
N SER D 169 15.80 -11.60 28.64
CA SER D 169 15.73 -11.08 27.28
C SER D 169 16.50 -12.02 26.36
N LYS D 170 15.87 -12.39 25.24
CA LYS D 170 16.47 -13.38 24.35
C LYS D 170 17.53 -12.74 23.46
N GLN D 171 18.53 -13.55 23.11
CA GLN D 171 19.73 -13.13 22.39
C GLN D 171 19.79 -13.83 21.04
N SER D 172 20.77 -13.42 20.24
CA SER D 172 20.94 -14.04 18.93
C SER D 172 21.27 -15.52 19.06
N ASN D 173 22.06 -15.89 20.07
CA ASN D 173 22.46 -17.29 20.24
C ASN D 173 21.34 -18.17 20.81
N ASN D 174 20.11 -17.67 20.91
CA ASN D 174 18.91 -18.30 21.45
C ASN D 174 18.93 -18.40 22.98
N LYS D 175 20.07 -18.14 23.63
CA LYS D 175 20.12 -18.13 25.08
C LYS D 175 19.67 -16.76 25.61
N TYR D 176 19.63 -16.63 26.94
CA TYR D 176 19.01 -15.48 27.57
C TYR D 176 19.98 -14.78 28.52
N ALA D 177 19.66 -13.52 28.82
CA ALA D 177 20.40 -12.74 29.79
C ALA D 177 19.43 -11.98 30.67
N ALA D 178 19.83 -11.76 31.92
CA ALA D 178 19.04 -10.98 32.85
C ALA D 178 19.98 -10.29 33.83
N SER D 179 19.41 -9.46 34.69
CA SER D 179 20.21 -8.78 35.69
C SER D 179 19.29 -8.38 36.84
N SER D 180 19.87 -8.23 38.02
CA SER D 180 19.12 -7.84 39.20
C SER D 180 19.94 -6.85 40.00
N TYR D 181 19.27 -5.81 40.51
CA TYR D 181 19.92 -4.70 41.20
C TYR D 181 19.34 -4.59 42.61
N LEU D 182 20.20 -4.75 43.61
CA LEU D 182 19.82 -4.53 45.00
C LEU D 182 20.29 -3.14 45.41
N SER D 183 19.35 -2.29 45.79
CA SER D 183 19.67 -0.96 46.31
C SER D 183 19.66 -1.00 47.83
N LEU D 184 20.66 -0.38 48.44
CA LEU D 184 20.77 -0.39 49.89
C LEU D 184 21.58 0.81 50.34
N THR D 185 21.33 1.26 51.57
CA THR D 185 22.11 2.34 52.12
C THR D 185 23.55 1.89 52.37
N PRO D 186 24.51 2.81 52.35
CA PRO D 186 25.90 2.44 52.69
C PRO D 186 26.01 1.82 54.07
N GLU D 187 25.14 2.21 55.00
CA GLU D 187 25.21 1.67 56.35
C GLU D 187 24.83 0.20 56.39
N GLN D 188 23.75 -0.16 55.69
CA GLN D 188 23.38 -1.57 55.59
C GLN D 188 24.47 -2.38 54.91
N TRP D 189 25.16 -1.78 53.93
CA TRP D 189 26.18 -2.51 53.18
C TRP D 189 27.32 -2.93 54.09
N LYS D 190 27.88 -1.98 54.85
CA LYS D 190 28.98 -2.29 55.77
C LYS D 190 28.53 -3.02 57.03
N SER D 191 27.22 -3.08 57.31
CA SER D 191 26.69 -3.71 58.53
C SER D 191 26.55 -5.22 58.43
N HIS D 192 26.97 -5.85 57.33
CA HIS D 192 26.90 -7.29 57.19
C HIS D 192 28.25 -7.82 56.76
N LYS D 193 28.42 -9.13 56.86
CA LYS D 193 29.68 -9.73 56.47
C LYS D 193 29.75 -10.08 55.00
N SER D 194 28.59 -10.30 54.36
CA SER D 194 28.58 -10.63 52.96
C SER D 194 27.16 -10.54 52.43
N TYR D 195 27.05 -10.19 51.15
CA TYR D 195 25.79 -10.24 50.42
C TYR D 195 25.94 -11.25 49.29
N SER D 196 24.89 -12.02 49.04
CA SER D 196 24.91 -13.06 48.04
C SER D 196 23.79 -12.86 47.03
N CYS D 197 24.05 -13.26 45.78
CA CYS D 197 23.06 -13.29 44.72
C CYS D 197 22.86 -14.75 44.33
N GLN D 198 21.65 -15.26 44.52
CA GLN D 198 21.32 -16.65 44.25
C GLN D 198 20.40 -16.72 43.03
N VAL D 199 20.86 -17.38 41.98
CA VAL D 199 20.12 -17.50 40.73
C VAL D 199 19.73 -18.97 40.55
N THR D 200 18.45 -19.26 40.72
CA THR D 200 17.92 -20.59 40.48
C THR D 200 17.47 -20.72 39.03
N HIS D 201 17.91 -21.80 38.38
CA HIS D 201 17.60 -22.07 36.99
C HIS D 201 17.44 -23.58 36.83
N GLU D 202 16.26 -24.00 36.36
CA GLU D 202 15.94 -25.41 36.16
C GLU D 202 16.35 -26.27 37.36
N GLY D 203 15.91 -25.84 38.55
CA GLY D 203 16.13 -26.57 39.78
C GLY D 203 17.55 -26.55 40.30
N SER D 204 18.42 -25.73 39.74
CA SER D 204 19.82 -25.69 40.12
C SER D 204 20.22 -24.25 40.38
N THR D 205 20.87 -24.02 41.51
CA THR D 205 21.19 -22.65 41.95
C THR D 205 22.66 -22.35 41.72
N VAL D 206 22.92 -21.16 41.22
CA VAL D 206 24.27 -20.60 41.06
C VAL D 206 24.34 -19.36 41.94
N GLU D 207 25.40 -19.25 42.72
CA GLU D 207 25.52 -18.22 43.73
C GLU D 207 26.83 -17.47 43.58
N LYS D 208 26.79 -16.17 43.84
CA LYS D 208 27.99 -15.36 43.98
C LYS D 208 27.86 -14.51 45.23
N THR D 209 29.00 -14.22 45.86
CA THR D 209 29.03 -13.50 47.13
C THR D 209 30.06 -12.38 47.04
N VAL D 210 29.73 -11.24 47.65
CA VAL D 210 30.67 -10.14 47.82
C VAL D 210 30.67 -9.73 49.28
N ALA D 211 31.71 -9.00 49.67
CA ALA D 211 31.87 -8.52 51.04
C ALA D 211 32.39 -7.10 51.04
N PRO D 212 31.98 -6.29 52.02
CA PRO D 212 32.60 -4.97 52.20
C PRO D 212 34.06 -5.10 52.65
N THR D 213 34.91 -4.24 52.11
CA THR D 213 36.33 -4.25 52.43
C THR D 213 36.82 -2.91 52.98
#